data_6PE8
#
_entry.id   6PE8
#
_cell.length_a   173.308
_cell.length_b   75.959
_cell.length_c   126.093
_cell.angle_alpha   90.00
_cell.angle_beta   90.00
_cell.angle_gamma   90.00
#
_symmetry.space_group_name_H-M   'P 21 21 2'
#
loop_
_entity.id
_entity.type
_entity.pdbx_description
1 polymer 'FAB Heavy chain'
2 polymer 'FAB Light chain'
3 polymer 'Tumor necrosis factor receptor superfamily member 5'
4 non-polymer 'SULFATE ION'
5 water water
#
loop_
_entity_poly.entity_id
_entity_poly.type
_entity_poly.pdbx_seq_one_letter_code
_entity_poly.pdbx_strand_id
1 'polypeptide(L)'
;EVQLVESGGGLVKPGGSLRLSCAASGFTFSDYGMNWVRQAPGKGLEWIAYISSGRGNIYYADTVKGRFTISRDNAKNSLY
LQMNSLRAEDTAVYYCARSWGYFDVWGQGTTVTVSSASTKGPSVFPLAPSSKSTSGGTAALGCLVKDYFPEPVTVSWNSG
ALTSGVHTFPAVLQSSGLYSLSSVVTVPSSSLGTQTYICNVNHKPSNTKVDKKVEPKSCDKTH
;
A,H
2 'polypeptide(L)'
;DIVMTQSPDSLAVSLGERATINCKSSQSLLNRGNQKNYLTWFQQKPGQPPKLLIYWASTRESGVPDRFSGSGSGTDFTLT
ISSLQAEDVAVYYCQNDYTYPLTFGQGTKLEIKRTVAAPSVFIFPPSDEQLKSGTASVVCLLNNFYPREAKVQWKVDNAL
QSGNSQESVTEQDSKDSTYSLSSTLTLSKADYEKHKVYACEVTHQGLSSPVTKSFNRGEC
;
B,L
3 'polypeptide(L)'
;EPPTACREKQYLINSQCCSLCQPGQKLVSDCTEFTETECLPCGESEFLDTWNRETHCHQHKYCDPNLGLRVQQKGTSETD
TICTCEEGWHCTSEACESCVLHRSCSPGFGVKQIATGVSDTICEPCPVGFFSNVSSAFEKCHPWTSCETKDLVVQQAGTN
KTDVVCGPQDRLR
;
T,U
#
loop_
_chem_comp.id
_chem_comp.type
_chem_comp.name
_chem_comp.formula
SO4 non-polymer 'SULFATE ION' 'O4 S -2'
#
# COMPACT_ATOMS: atom_id res chain seq x y z
N GLU A 1 11.44 16.16 28.46
CA GLU A 1 10.41 16.42 27.45
C GLU A 1 9.36 17.43 27.92
N VAL A 2 8.78 18.14 26.96
CA VAL A 2 7.55 18.93 27.14
C VAL A 2 6.72 18.68 25.90
N GLN A 3 5.59 17.99 26.05
CA GLN A 3 4.83 17.55 24.89
C GLN A 3 3.35 17.84 25.04
N LEU A 4 2.71 18.02 23.89
CA LEU A 4 1.25 18.09 23.76
C LEU A 4 0.88 17.30 22.51
N VAL A 5 0.01 16.30 22.66
CA VAL A 5 -0.28 15.38 21.56
C VAL A 5 -1.78 15.38 21.32
N GLU A 6 -2.21 16.09 20.28
CA GLU A 6 -3.60 16.04 19.87
C GLU A 6 -3.97 14.67 19.31
N SER A 7 -5.26 14.45 19.21
CA SER A 7 -5.86 13.28 18.63
C SER A 7 -7.33 13.59 18.60
N GLY A 8 -8.08 12.85 17.79
CA GLY A 8 -9.51 13.03 17.70
C GLY A 8 -9.99 13.66 16.40
N GLY A 9 -9.10 14.29 15.63
CA GLY A 9 -9.51 14.91 14.39
C GLY A 9 -9.97 13.92 13.35
N GLY A 10 -10.50 14.44 12.25
CA GLY A 10 -10.91 13.61 11.15
C GLY A 10 -12.03 14.26 10.35
N LEU A 11 -12.71 13.41 9.57
CA LEU A 11 -13.80 13.86 8.73
C LEU A 11 -15.11 13.65 9.46
N VAL A 12 -16.02 14.63 9.34
CA VAL A 12 -17.33 14.52 9.96
C VAL A 12 -18.32 15.32 9.13
N LYS A 13 -19.59 14.86 9.10
CA LYS A 13 -20.61 15.52 8.29
C LYS A 13 -21.13 16.75 9.02
N PRO A 14 -21.56 17.79 8.28
CA PRO A 14 -22.08 19.01 8.91
C PRO A 14 -23.20 18.72 9.90
N GLY A 15 -23.25 19.52 10.97
CA GLY A 15 -24.12 19.26 12.09
C GLY A 15 -23.65 18.17 13.03
N GLY A 16 -22.73 17.31 12.60
CA GLY A 16 -22.18 16.26 13.43
C GLY A 16 -21.33 16.80 14.57
N SER A 17 -20.58 15.89 15.17
CA SER A 17 -19.97 16.17 16.45
C SER A 17 -18.58 15.54 16.50
N LEU A 18 -17.70 16.17 17.25
CA LEU A 18 -16.33 15.70 17.35
C LEU A 18 -15.82 16.08 18.74
N ARG A 19 -14.84 15.32 19.23
CA ARG A 19 -14.21 15.57 20.52
C ARG A 19 -12.70 15.39 20.37
N LEU A 20 -11.97 16.50 20.37
CA LEU A 20 -10.53 16.44 20.30
C LEU A 20 -9.96 16.27 21.69
N SER A 21 -8.89 15.49 21.80
CA SER A 21 -8.15 15.32 23.03
C SER A 21 -6.77 15.94 22.91
N CYS A 22 -6.16 16.21 24.05
CA CYS A 22 -4.80 16.73 24.10
C CYS A 22 -4.08 16.10 25.28
N ALA A 23 -3.01 15.36 25.00
CA ALA A 23 -2.32 14.56 26.00
C ALA A 23 -1.05 15.30 26.45
N ALA A 24 -1.11 15.90 27.63
CA ALA A 24 0.01 16.66 28.15
C ALA A 24 1.01 15.74 28.86
N SER A 25 2.28 16.09 28.73
CA SER A 25 3.34 15.31 29.37
C SER A 25 4.59 16.17 29.51
N GLY A 26 5.36 15.90 30.56
CA GLY A 26 6.65 16.53 30.74
C GLY A 26 6.62 17.81 31.55
N PHE A 27 5.49 18.15 32.14
CA PHE A 27 5.30 19.36 32.92
C PHE A 27 4.04 19.16 33.75
N THR A 28 3.80 20.07 34.69
CA THR A 28 2.64 19.99 35.58
C THR A 28 1.44 20.66 34.91
N PHE A 29 0.64 19.83 34.25
CA PHE A 29 -0.53 20.29 33.50
C PHE A 29 -1.47 21.13 34.35
N SER A 30 -1.56 20.86 35.65
CA SER A 30 -2.51 21.59 36.50
C SER A 30 -2.18 23.07 36.56
N ASP A 31 -0.88 23.39 36.49
CA ASP A 31 -0.38 24.73 36.74
C ASP A 31 -0.68 25.70 35.63
N TYR A 32 -1.13 25.20 34.48
CA TYR A 32 -1.19 25.99 33.26
C TYR A 32 -2.62 26.21 32.80
N GLY A 33 -2.83 27.35 32.16
CA GLY A 33 -4.03 27.55 31.38
C GLY A 33 -3.91 26.81 30.05
N MET A 34 -5.06 26.46 29.49
CA MET A 34 -5.06 25.70 28.25
C MET A 34 -5.96 26.36 27.22
N ASN A 35 -5.60 26.21 25.95
CA ASN A 35 -6.27 26.89 24.85
C ASN A 35 -6.40 25.98 23.63
N TRP A 36 -7.32 26.38 22.73
CA TRP A 36 -7.41 25.85 21.38
C TRP A 36 -7.29 27.00 20.39
N VAL A 37 -6.35 26.87 19.47
CA VAL A 37 -6.20 27.78 18.34
C VAL A 37 -6.39 26.95 17.08
N ARG A 38 -7.12 27.48 16.11
CA ARG A 38 -7.25 26.75 14.86
C ARG A 38 -6.65 27.56 13.72
N GLN A 39 -6.45 26.89 12.59
CA GLN A 39 -5.93 27.53 11.38
C GLN A 39 -6.65 26.95 10.19
N ALA A 40 -7.54 27.74 9.59
CA ALA A 40 -8.18 27.35 8.34
C ALA A 40 -7.13 27.15 7.26
N PRO A 41 -7.35 26.22 6.33
CA PRO A 41 -6.34 25.93 5.30
C PRO A 41 -6.00 27.17 4.49
N GLY A 42 -4.69 27.44 4.38
CA GLY A 42 -4.19 28.61 3.68
C GLY A 42 -4.48 29.94 4.37
N LYS A 43 -5.05 29.91 5.57
CA LYS A 43 -5.45 31.11 6.30
C LYS A 43 -4.60 31.27 7.56
N GLY A 44 -5.04 32.20 8.42
CA GLY A 44 -4.30 32.58 9.59
C GLY A 44 -4.68 31.79 10.84
N LEU A 45 -4.16 32.26 11.97
CA LEU A 45 -4.40 31.67 13.28
C LEU A 45 -5.58 32.36 13.96
N GLU A 46 -6.46 31.56 14.57
CA GLU A 46 -7.66 32.05 15.23
C GLU A 46 -7.77 31.40 16.61
N TRP A 47 -7.71 32.22 17.66
CA TRP A 47 -7.94 31.71 19.02
C TRP A 47 -9.44 31.42 19.21
N ILE A 48 -9.78 30.23 19.76
CA ILE A 48 -11.18 29.87 19.93
C ILE A 48 -11.57 29.59 21.39
N ALA A 49 -10.70 29.00 22.21
CA ALA A 49 -11.13 28.67 23.57
C ALA A 49 -9.99 28.68 24.58
N TYR A 50 -10.34 28.92 25.85
CA TYR A 50 -9.38 29.04 26.94
C TYR A 50 -9.98 28.48 28.22
N ILE A 51 -9.17 27.74 29.00
CA ILE A 51 -9.54 27.29 30.34
C ILE A 51 -8.40 27.56 31.32
N SER A 52 -8.71 28.25 32.42
CA SER A 52 -7.71 28.73 33.37
C SER A 52 -7.19 27.61 34.28
N SER A 53 -6.22 27.96 35.12
CA SER A 53 -5.45 26.97 35.87
C SER A 53 -6.11 26.59 37.19
N GLY A 54 -6.94 27.47 37.75
CA GLY A 54 -7.44 27.33 39.11
C GLY A 54 -8.91 26.99 39.21
N ARG A 55 -9.74 28.01 39.42
CA ARG A 55 -11.20 27.85 39.37
C ARG A 55 -11.66 27.26 38.04
N GLY A 56 -10.79 27.27 37.04
CA GLY A 56 -11.09 26.75 35.72
C GLY A 56 -11.90 27.71 34.89
N ASN A 57 -11.42 28.94 34.77
CA ASN A 57 -12.16 29.99 34.07
C ASN A 57 -12.17 29.74 32.57
N ILE A 58 -13.28 30.07 31.92
CA ILE A 58 -13.49 29.68 30.53
C ILE A 58 -13.93 30.88 29.70
N TYR A 59 -13.21 31.13 28.59
CA TYR A 59 -13.54 32.15 27.60
C TYR A 59 -13.53 31.55 26.20
N TYR A 60 -14.42 32.02 25.33
CA TYR A 60 -14.45 31.57 23.95
C TYR A 60 -14.38 32.74 22.99
N ALA A 61 -13.96 32.44 21.76
CA ALA A 61 -14.23 33.34 20.65
C ALA A 61 -15.72 33.28 20.33
N ASP A 62 -16.25 34.39 19.84
CA ASP A 62 -17.69 34.41 19.59
C ASP A 62 -18.07 33.37 18.53
N THR A 63 -17.17 33.08 17.61
CA THR A 63 -17.47 32.21 16.47
C THR A 63 -17.67 30.75 16.87
N VAL A 64 -17.32 30.34 18.07
CA VAL A 64 -17.61 29.00 18.53
C VAL A 64 -18.51 29.01 19.75
N LYS A 65 -19.10 30.15 20.07
CA LYS A 65 -19.89 30.27 21.29
C LYS A 65 -21.19 29.48 21.15
N GLY A 66 -21.47 28.64 22.14
CA GLY A 66 -22.59 27.72 22.11
C GLY A 66 -22.18 26.33 21.68
N ARG A 67 -21.54 26.25 20.50
CA ARG A 67 -21.29 24.98 19.83
C ARG A 67 -20.11 24.23 20.42
N PHE A 68 -19.02 24.92 20.72
CA PHE A 68 -17.81 24.30 21.24
C PHE A 68 -17.74 24.51 22.75
N THR A 69 -17.37 23.47 23.50
CA THR A 69 -17.19 23.61 24.94
C THR A 69 -15.84 23.00 25.34
N ILE A 70 -14.96 23.85 25.85
CA ILE A 70 -13.64 23.45 26.33
C ILE A 70 -13.78 22.87 27.73
N SER A 71 -12.98 21.86 28.04
CA SER A 71 -12.97 21.23 29.35
C SER A 71 -11.58 20.69 29.62
N ARG A 72 -11.33 20.29 30.86
CA ARG A 72 -10.07 19.64 31.20
C ARG A 72 -10.32 18.52 32.18
N ASP A 73 -9.29 17.69 32.32
CA ASP A 73 -9.24 16.58 33.27
C ASP A 73 -7.80 16.61 33.77
N ASN A 74 -7.56 17.38 34.84
CA ASN A 74 -6.22 17.45 35.40
C ASN A 74 -5.76 16.08 35.86
N ALA A 75 -6.70 15.26 36.33
CA ALA A 75 -6.36 13.92 36.81
C ALA A 75 -5.83 13.04 35.69
N LYS A 76 -6.38 13.17 34.48
CA LYS A 76 -5.90 12.42 33.35
C LYS A 76 -4.93 13.21 32.46
N ASN A 77 -4.57 14.43 32.87
CA ASN A 77 -3.55 15.24 32.18
C ASN A 77 -3.99 15.67 30.78
N SER A 78 -5.25 16.06 30.61
CA SER A 78 -5.76 16.14 29.25
C SER A 78 -6.68 17.34 29.06
N LEU A 79 -6.60 17.91 27.87
CA LEU A 79 -7.50 18.97 27.43
C LEU A 79 -8.42 18.40 26.37
N TYR A 80 -9.62 18.94 26.28
CA TYR A 80 -10.70 18.37 25.48
C TYR A 80 -11.44 19.49 24.77
N LEU A 81 -11.99 19.19 23.60
CA LEU A 81 -12.82 20.17 22.90
C LEU A 81 -14.04 19.49 22.33
N GLN A 82 -15.20 19.72 22.93
CA GLN A 82 -16.45 19.20 22.38
C GLN A 82 -16.93 20.16 21.30
N MET A 83 -16.85 19.76 20.06
CA MET A 83 -17.39 20.55 18.96
C MET A 83 -18.73 19.97 18.59
N ASN A 84 -19.74 20.83 18.51
CA ASN A 84 -21.08 20.42 18.14
C ASN A 84 -21.58 21.35 17.05
N SER A 85 -22.64 20.92 16.37
CA SER A 85 -23.29 21.67 15.30
C SER A 85 -22.26 22.31 14.37
N LEU A 86 -21.48 21.43 13.74
CA LEU A 86 -20.28 21.83 13.00
C LEU A 86 -20.61 22.40 11.62
N ARG A 87 -20.00 23.52 11.28
CA ARG A 87 -20.15 24.17 9.99
C ARG A 87 -18.90 23.93 9.16
N ALA A 88 -19.00 24.28 7.88
CA ALA A 88 -17.87 24.07 6.97
C ALA A 88 -16.71 25.03 7.27
N GLU A 89 -16.96 26.14 7.94
CA GLU A 89 -15.89 27.03 8.36
C GLU A 89 -15.12 26.48 9.55
N ASP A 90 -15.59 25.39 10.14
CA ASP A 90 -14.86 24.75 11.22
C ASP A 90 -13.73 23.87 10.70
N THR A 91 -13.63 23.67 9.38
CA THR A 91 -12.54 22.89 8.82
C THR A 91 -11.24 23.63 9.03
N ALA A 92 -10.32 22.99 9.75
CA ALA A 92 -9.05 23.61 10.12
C ALA A 92 -8.19 22.58 10.83
N VAL A 93 -6.94 22.97 11.10
CA VAL A 93 -6.07 22.25 11.99
C VAL A 93 -6.26 22.84 13.38
N TYR A 94 -6.45 21.98 14.37
CA TYR A 94 -6.77 22.42 15.70
C TYR A 94 -5.56 22.25 16.60
N TYR A 95 -5.05 23.37 17.08
CA TYR A 95 -3.81 23.45 17.83
C TYR A 95 -4.12 23.56 19.32
N CYS A 96 -3.56 22.62 20.08
CA CYS A 96 -3.47 22.66 21.52
C CYS A 96 -2.36 23.63 21.95
N ALA A 97 -2.61 24.45 22.97
CA ALA A 97 -1.55 25.35 23.43
C ALA A 97 -1.65 25.69 24.91
N ARG A 98 -0.55 25.50 25.64
CA ARG A 98 -0.54 25.86 27.04
C ARG A 98 -0.22 27.35 27.20
N SER A 99 -0.63 27.91 28.33
CA SER A 99 -0.40 29.33 28.54
C SER A 99 -0.19 29.62 30.02
N TRP A 100 0.82 30.45 30.27
CA TRP A 100 1.07 31.07 31.55
C TRP A 100 1.34 32.54 31.28
N GLY A 101 0.38 33.16 30.58
CA GLY A 101 0.47 34.54 30.17
C GLY A 101 0.62 34.64 28.66
N TYR A 102 1.35 33.69 28.09
CA TYR A 102 1.63 33.64 26.66
C TYR A 102 1.73 32.18 26.26
N PHE A 103 1.34 31.91 25.01
CA PHE A 103 1.46 30.57 24.46
C PHE A 103 2.93 30.27 24.32
N ASP A 104 3.41 29.17 24.88
CA ASP A 104 4.81 28.82 24.69
C ASP A 104 5.06 27.38 24.29
N VAL A 105 4.11 26.47 24.50
CA VAL A 105 4.23 25.11 24.03
C VAL A 105 2.93 24.76 23.31
N TRP A 106 3.06 24.31 22.06
CA TRP A 106 1.94 24.01 21.18
C TRP A 106 1.90 22.52 20.90
N GLY A 107 0.73 22.07 20.47
CA GLY A 107 0.55 20.68 20.14
C GLY A 107 0.98 20.35 18.73
N GLN A 108 0.90 19.05 18.43
CA GLN A 108 1.23 18.54 17.11
C GLN A 108 0.46 19.27 16.01
N GLY A 109 -0.83 19.44 16.21
CA GLY A 109 -1.85 19.88 15.26
C GLY A 109 -2.62 18.66 14.78
N THR A 110 -3.94 18.75 14.80
CA THR A 110 -4.78 17.69 14.25
C THR A 110 -5.84 18.28 13.34
N THR A 111 -6.04 17.63 12.20
CA THR A 111 -6.87 18.16 11.14
C THR A 111 -8.32 17.72 11.34
N VAL A 112 -9.24 18.68 11.20
CA VAL A 112 -10.66 18.44 11.27
C VAL A 112 -11.26 18.89 9.95
N THR A 113 -11.88 17.98 9.22
CA THR A 113 -12.52 18.30 7.96
C THR A 113 -14.02 18.08 8.11
N VAL A 114 -14.81 19.14 7.89
CA VAL A 114 -16.26 19.06 7.96
C VAL A 114 -16.78 19.01 6.53
N SER A 115 -17.24 17.83 6.11
CA SER A 115 -17.63 17.64 4.73
C SER A 115 -18.71 16.57 4.61
N SER A 116 -19.61 16.82 3.65
CA SER A 116 -20.64 15.85 3.27
C SER A 116 -20.03 14.64 2.54
N ALA A 117 -18.91 14.86 1.84
CA ALA A 117 -18.24 13.85 1.01
C ALA A 117 -17.65 12.73 1.85
N SER A 118 -17.30 11.64 1.17
CA SER A 118 -16.89 10.40 1.84
C SER A 118 -15.41 10.13 1.64
N THR A 119 -14.83 9.39 2.59
CA THR A 119 -13.42 9.04 2.55
C THR A 119 -13.11 8.15 1.36
N LYS A 120 -11.98 8.43 0.72
CA LYS A 120 -11.47 7.61 -0.38
C LYS A 120 -9.96 7.49 -0.24
N GLY A 121 -9.47 6.26 -0.30
CA GLY A 121 -8.05 6.00 -0.35
C GLY A 121 -7.49 6.43 -1.69
N PRO A 122 -6.18 6.65 -1.75
CA PRO A 122 -5.54 7.13 -2.97
C PRO A 122 -5.13 6.00 -3.91
N SER A 123 -5.05 6.34 -5.19
CA SER A 123 -4.33 5.53 -6.15
C SER A 123 -2.91 6.06 -6.20
N VAL A 124 -1.93 5.17 -6.11
CA VAL A 124 -0.53 5.59 -6.20
C VAL A 124 0.04 5.10 -7.53
N PHE A 125 0.48 6.04 -8.34
CA PHE A 125 1.02 5.75 -9.66
C PHE A 125 2.50 6.09 -9.70
N PRO A 126 3.28 5.39 -10.55
CA PRO A 126 4.74 5.63 -10.56
C PRO A 126 5.18 6.73 -11.51
N LEU A 127 6.01 7.62 -11.01
CA LEU A 127 6.77 8.56 -11.83
C LEU A 127 8.15 7.95 -11.99
N ALA A 128 8.38 7.24 -13.12
CA ALA A 128 9.56 6.38 -13.26
C ALA A 128 10.70 7.11 -13.98
N PRO A 129 11.94 6.72 -13.66
CA PRO A 129 13.11 7.37 -14.27
C PRO A 129 13.32 6.95 -15.73
N SER A 130 14.06 7.80 -16.45
CA SER A 130 14.37 7.56 -17.86
C SER A 130 15.75 6.92 -18.02
N GLY A 137 24.61 12.87 -14.02
CA GLY A 137 24.87 12.60 -12.61
C GLY A 137 23.68 12.10 -11.79
N THR A 138 22.62 12.90 -11.73
CA THR A 138 21.46 12.62 -10.91
C THR A 138 20.24 12.28 -11.75
N ALA A 139 19.40 11.38 -11.22
CA ALA A 139 18.11 11.02 -11.80
C ALA A 139 17.00 11.38 -10.82
N ALA A 140 15.78 11.53 -11.36
CA ALA A 140 14.64 11.92 -10.54
C ALA A 140 13.50 10.94 -10.75
N LEU A 141 12.96 10.43 -9.64
CA LEU A 141 11.83 9.52 -9.65
C LEU A 141 10.79 10.00 -8.65
N GLY A 142 9.61 9.41 -8.70
CA GLY A 142 8.58 9.82 -7.78
C GLY A 142 7.36 8.92 -7.80
N CYS A 143 6.30 9.43 -7.15
CA CYS A 143 5.02 8.77 -6.94
C CYS A 143 3.91 9.79 -7.18
N LEU A 144 2.92 9.43 -7.97
CA LEU A 144 1.75 10.27 -8.17
C LEU A 144 0.59 9.73 -7.31
N VAL A 145 0.29 10.42 -6.22
CA VAL A 145 -0.76 10.02 -5.28
C VAL A 145 -2.05 10.73 -5.66
N LYS A 146 -3.03 9.99 -6.18
CA LYS A 146 -4.18 10.61 -6.85
C LYS A 146 -5.52 10.15 -6.27
N ASP A 147 -6.48 11.09 -6.30
CA ASP A 147 -7.91 10.85 -6.08
C ASP A 147 -8.23 10.28 -4.69
N TYR A 148 -7.98 11.10 -3.66
CA TYR A 148 -8.27 10.71 -2.29
C TYR A 148 -8.98 11.83 -1.54
N PHE A 149 -9.70 11.44 -0.48
CA PHE A 149 -10.38 12.44 0.32
C PHE A 149 -10.55 11.94 1.75
N PRO A 150 -10.27 12.77 2.77
CA PRO A 150 -9.77 14.14 2.68
C PRO A 150 -8.27 14.23 2.89
N GLU A 151 -7.74 15.45 2.89
CA GLU A 151 -6.37 15.65 3.31
C GLU A 151 -6.24 15.26 4.78
N PRO A 152 -5.08 14.77 5.23
CA PRO A 152 -3.84 14.57 4.48
C PRO A 152 -3.45 13.12 4.22
N VAL A 153 -2.65 12.93 3.17
CA VAL A 153 -1.83 11.76 3.01
C VAL A 153 -0.47 12.14 3.56
N THR A 154 0.35 11.15 3.84
CA THR A 154 1.74 11.39 4.17
C THR A 154 2.57 10.42 3.35
N VAL A 155 3.65 10.91 2.76
CA VAL A 155 4.51 10.09 1.91
C VAL A 155 5.91 10.07 2.50
N SER A 156 6.49 8.88 2.56
CA SER A 156 7.88 8.66 2.93
C SER A 156 8.50 7.77 1.87
N TRP A 157 9.82 7.70 1.85
CA TRP A 157 10.52 6.82 0.92
C TRP A 157 11.38 5.84 1.70
N ASN A 158 11.43 4.60 1.23
CA ASN A 158 12.07 3.47 1.91
C ASN A 158 11.85 3.50 3.42
N SER A 159 10.63 3.82 3.86
CA SER A 159 10.21 3.78 5.25
C SER A 159 10.85 4.88 6.08
N GLY A 160 11.24 5.97 5.42
CA GLY A 160 11.96 7.05 6.07
C GLY A 160 13.46 6.97 5.93
N ALA A 161 14.00 5.83 5.50
CA ALA A 161 15.42 5.67 5.26
C ALA A 161 15.92 6.44 3.99
N LEU A 162 15.06 7.24 3.36
CA LEU A 162 15.45 8.07 2.23
C LEU A 162 14.80 9.43 2.43
N THR A 163 15.62 10.44 2.68
CA THR A 163 15.14 11.80 2.90
C THR A 163 15.82 12.83 2.02
N SER A 164 17.01 12.53 1.50
CA SER A 164 17.83 13.51 0.78
C SER A 164 17.25 13.73 -0.61
N GLY A 165 16.71 14.92 -0.83
CA GLY A 165 16.20 15.29 -2.13
C GLY A 165 14.72 15.09 -2.31
N VAL A 166 14.02 14.62 -1.28
CA VAL A 166 12.60 14.35 -1.39
C VAL A 166 11.83 15.65 -1.35
N HIS A 167 11.01 15.88 -2.37
CA HIS A 167 10.04 16.98 -2.38
C HIS A 167 8.67 16.36 -2.54
N THR A 168 7.78 16.64 -1.59
CA THR A 168 6.38 16.27 -1.68
C THR A 168 5.59 17.54 -1.81
N PHE A 169 4.97 17.73 -2.98
CA PHE A 169 4.27 18.96 -3.28
C PHE A 169 2.96 19.04 -2.53
N PRO A 170 2.39 20.23 -2.37
CA PRO A 170 1.12 20.32 -1.67
C PRO A 170 0.01 19.74 -2.54
N ALA A 171 -1.04 19.28 -1.87
CA ALA A 171 -2.15 18.66 -2.57
C ALA A 171 -3.04 19.71 -3.23
N VAL A 172 -3.59 19.35 -4.38
CA VAL A 172 -4.46 20.21 -5.15
C VAL A 172 -5.82 19.53 -5.20
N LEU A 173 -6.89 20.33 -5.06
CA LEU A 173 -8.25 19.83 -5.17
C LEU A 173 -8.68 19.94 -6.62
N GLN A 174 -9.29 18.87 -7.12
CA GLN A 174 -9.72 18.82 -8.50
C GLN A 174 -11.23 18.93 -8.60
N SER A 175 -11.70 19.14 -9.85
CA SER A 175 -13.14 19.17 -10.13
C SER A 175 -13.85 17.94 -9.57
N SER A 176 -13.22 16.77 -9.68
CA SER A 176 -13.76 15.52 -9.16
C SER A 176 -14.07 15.57 -7.68
N GLY A 177 -13.65 16.64 -6.99
CA GLY A 177 -13.75 16.74 -5.55
C GLY A 177 -12.78 15.88 -4.80
N LEU A 178 -11.63 15.54 -5.41
CA LEU A 178 -10.65 14.62 -4.85
C LEU A 178 -9.25 15.21 -4.93
N TYR A 179 -8.40 14.80 -4.00
CA TYR A 179 -7.08 15.38 -3.83
C TYR A 179 -6.01 14.64 -4.63
N SER A 180 -5.02 15.39 -5.08
CA SER A 180 -3.93 14.83 -5.84
C SER A 180 -2.64 15.56 -5.48
N LEU A 181 -1.55 14.82 -5.41
CA LEU A 181 -0.23 15.41 -5.24
C LEU A 181 0.84 14.47 -5.78
N SER A 182 2.04 15.01 -5.97
CA SER A 182 3.19 14.22 -6.37
C SER A 182 4.28 14.29 -5.31
N SER A 183 5.03 13.21 -5.18
CA SER A 183 6.21 13.18 -4.32
C SER A 183 7.38 12.68 -5.15
N VAL A 184 8.47 13.44 -5.17
CA VAL A 184 9.62 13.14 -6.02
C VAL A 184 10.89 13.13 -5.21
N VAL A 185 11.89 12.39 -5.68
CA VAL A 185 13.18 12.32 -5.03
C VAL A 185 14.29 12.25 -6.08
N THR A 186 15.40 12.93 -5.81
CA THR A 186 16.58 12.88 -6.68
C THR A 186 17.59 11.87 -6.10
N VAL A 187 18.11 11.04 -6.99
CA VAL A 187 19.05 9.97 -6.64
C VAL A 187 20.09 9.84 -7.75
N PRO A 188 21.29 9.35 -7.41
CA PRO A 188 22.30 9.14 -8.46
C PRO A 188 21.84 8.12 -9.47
N SER A 189 22.12 8.39 -10.74
CA SER A 189 21.69 7.50 -11.82
C SER A 189 22.41 6.18 -11.80
N SER A 190 23.57 6.12 -11.15
CA SER A 190 24.26 4.84 -10.93
C SER A 190 23.43 3.88 -10.09
N SER A 191 22.98 4.33 -8.91
CA SER A 191 22.09 3.56 -8.04
C SER A 191 20.72 3.51 -8.68
N LEU A 192 20.58 2.68 -9.72
CA LEU A 192 19.25 2.62 -10.38
C LEU A 192 18.85 1.18 -10.66
N GLY A 193 19.81 0.31 -10.95
CA GLY A 193 19.48 -1.10 -11.08
C GLY A 193 19.66 -1.82 -9.76
N THR A 194 20.49 -1.21 -8.91
CA THR A 194 20.85 -1.76 -7.61
C THR A 194 19.84 -1.36 -6.53
N GLN A 195 19.70 -0.05 -6.29
CA GLN A 195 18.93 0.48 -5.18
C GLN A 195 17.44 0.47 -5.53
N THR A 196 16.62 -0.16 -4.69
CA THR A 196 15.19 -0.28 -4.93
C THR A 196 14.43 0.80 -4.14
N TYR A 197 13.52 1.50 -4.83
CA TYR A 197 12.85 2.68 -4.27
C TYR A 197 11.36 2.43 -4.12
N ILE A 198 10.82 2.77 -2.96
CA ILE A 198 9.41 2.54 -2.65
C ILE A 198 8.87 3.77 -1.92
N CYS A 199 7.80 4.34 -2.44
CA CYS A 199 7.15 5.41 -1.72
C CYS A 199 6.03 4.83 -0.86
N ASN A 200 6.01 5.22 0.40
CA ASN A 200 5.07 4.72 1.37
C ASN A 200 4.01 5.80 1.53
N VAL A 201 2.83 5.52 1.02
CA VAL A 201 1.71 6.45 1.08
C VAL A 201 0.78 5.96 2.16
N ASN A 202 0.59 6.77 3.19
CA ASN A 202 -0.29 6.42 4.29
C ASN A 202 -1.39 7.47 4.36
N HIS A 203 -2.62 7.02 4.13
CA HIS A 203 -3.82 7.85 4.26
C HIS A 203 -4.61 7.31 5.45
N LYS A 204 -4.43 7.93 6.61
CA LYS A 204 -5.12 7.47 7.81
C LYS A 204 -6.64 7.64 7.72
N PRO A 205 -7.19 8.68 7.08
CA PRO A 205 -8.66 8.82 7.11
C PRO A 205 -9.40 7.61 6.57
N SER A 206 -8.83 6.93 5.58
CA SER A 206 -9.42 5.72 5.01
C SER A 206 -8.71 4.45 5.45
N ASN A 207 -7.70 4.57 6.31
CA ASN A 207 -7.00 3.40 6.84
C ASN A 207 -6.36 2.59 5.72
N THR A 208 -5.95 3.26 4.64
CA THR A 208 -5.21 2.66 3.55
C THR A 208 -3.72 3.00 3.71
N LYS A 209 -2.88 2.02 3.46
CA LYS A 209 -1.46 2.26 3.28
C LYS A 209 -1.07 1.65 1.94
N VAL A 210 -0.50 2.45 1.05
CA VAL A 210 -0.06 1.96 -0.25
C VAL A 210 1.45 2.07 -0.31
N ASP A 211 2.12 0.98 -0.69
CA ASP A 211 3.55 0.94 -0.95
C ASP A 211 3.73 0.64 -2.43
N LYS A 212 4.11 1.65 -3.20
CA LYS A 212 4.34 1.50 -4.63
C LYS A 212 5.83 1.49 -4.89
N LYS A 213 6.30 0.50 -5.63
CA LYS A 213 7.71 0.43 -5.94
C LYS A 213 7.93 0.99 -7.34
N VAL A 214 8.81 1.98 -7.44
CA VAL A 214 9.09 2.70 -8.67
C VAL A 214 10.41 2.21 -9.20
N GLU A 215 10.35 1.40 -10.26
CA GLU A 215 11.47 0.89 -11.02
C GLU A 215 11.43 1.48 -12.42
N PRO A 216 12.59 1.64 -13.07
CA PRO A 216 12.57 2.24 -14.41
C PRO A 216 11.86 1.36 -15.41
N LYS A 217 11.31 1.99 -16.44
CA LYS A 217 10.58 1.26 -17.45
C LYS A 217 11.55 0.69 -18.47
N SER A 218 11.43 -0.60 -18.74
CA SER A 218 12.22 -1.25 -19.78
C SER A 218 11.34 -1.41 -21.02
N CYS A 219 11.76 -0.80 -22.13
CA CYS A 219 10.99 -0.82 -23.38
C CYS A 219 11.35 -2.02 -24.24
N ASP B 1 -13.28 43.75 20.18
CA ASP B 1 -12.39 42.86 19.44
C ASP B 1 -11.21 43.63 18.87
N ILE B 2 -10.02 43.35 19.36
CA ILE B 2 -8.86 44.13 18.95
C ILE B 2 -8.33 43.59 17.64
N VAL B 3 -7.84 44.48 16.77
CA VAL B 3 -7.45 44.11 15.41
C VAL B 3 -5.97 44.44 15.18
N MET B 4 -5.16 43.43 14.89
CA MET B 4 -3.76 43.59 14.53
C MET B 4 -3.58 43.58 13.01
N THR B 5 -3.03 44.67 12.49
CA THR B 5 -2.74 44.80 11.08
C THR B 5 -1.22 44.78 10.92
N GLN B 6 -0.69 43.68 10.41
CA GLN B 6 0.73 43.57 10.13
C GLN B 6 1.08 44.26 8.81
N SER B 7 2.38 44.55 8.64
CA SER B 7 2.86 45.31 7.49
C SER B 7 4.33 45.06 7.25
N PRO B 8 4.73 44.59 6.06
CA PRO B 8 3.93 44.21 4.88
C PRO B 8 3.20 42.85 4.97
N ASP B 9 2.40 42.51 3.95
CA ASP B 9 1.81 41.17 3.87
C ASP B 9 2.87 40.16 3.48
N SER B 10 3.80 40.56 2.61
CA SER B 10 4.87 39.71 2.11
C SER B 10 6.15 40.51 2.09
N LEU B 11 7.28 39.83 2.28
CA LEU B 11 8.55 40.50 2.40
C LEU B 11 9.64 39.59 1.90
N ALA B 12 10.48 40.11 0.98
CA ALA B 12 11.57 39.37 0.38
C ALA B 12 12.86 40.06 0.78
N VAL B 13 13.70 39.36 1.54
CA VAL B 13 14.88 39.96 2.16
C VAL B 13 16.10 39.13 1.85
N SER B 14 17.21 39.80 1.53
CA SER B 14 18.44 39.12 1.14
C SER B 14 19.07 38.43 2.34
N LEU B 15 19.92 37.45 2.05
CA LEU B 15 20.58 36.68 3.10
C LEU B 15 21.57 37.56 3.86
N GLY B 16 21.48 37.54 5.19
CA GLY B 16 22.37 38.30 6.03
C GLY B 16 22.04 39.77 6.20
N GLU B 17 20.97 40.26 5.57
CA GLU B 17 20.47 41.63 5.77
C GLU B 17 19.48 41.66 6.93
N ARG B 18 18.75 42.76 7.11
CA ARG B 18 17.81 42.92 8.21
C ARG B 18 16.36 42.95 7.71
N ALA B 19 15.50 42.19 8.38
CA ALA B 19 14.08 42.11 8.06
C ALA B 19 13.27 42.90 9.08
N THR B 20 12.32 43.70 8.62
CA THR B 20 11.52 44.54 9.50
C THR B 20 10.06 44.20 9.25
N ILE B 21 9.38 43.72 10.30
CA ILE B 21 7.98 43.36 10.24
C ILE B 21 7.23 44.24 11.22
N ASN B 22 6.29 45.03 10.72
CA ASN B 22 5.55 45.96 11.56
C ASN B 22 4.18 45.41 11.92
N CYS B 23 3.67 45.84 13.08
CA CYS B 23 2.36 45.41 13.57
C CYS B 23 1.68 46.54 14.30
N LYS B 24 0.41 46.80 13.98
CA LYS B 24 -0.35 47.89 14.60
C LYS B 24 -1.65 47.33 15.20
N SER B 25 -2.02 47.80 16.39
CA SER B 25 -3.24 47.34 17.03
C SER B 25 -4.30 48.44 17.07
N SER B 26 -5.55 48.02 17.02
CA SER B 26 -6.66 48.94 17.03
C SER B 26 -6.81 49.65 18.36
N GLN B 27 -6.30 49.04 19.43
CA GLN B 27 -6.31 49.55 20.79
C GLN B 27 -4.90 49.49 21.37
N SER B 28 -4.74 50.07 22.55
CA SER B 28 -3.49 50.02 23.27
C SER B 28 -3.33 48.67 23.97
N LEU B 29 -2.15 48.07 23.87
CA LEU B 29 -1.88 46.81 24.55
C LEU B 29 -1.18 47.01 25.89
N LEU B 30 -1.27 48.21 26.47
CA LEU B 30 -0.49 48.63 27.61
C LEU B 30 -1.26 48.39 28.91
N ASN B 31 -0.66 47.64 29.82
CA ASN B 31 -1.19 47.38 31.15
C ASN B 31 -0.63 48.44 32.09
N ARG B 32 -1.51 49.32 32.59
CA ARG B 32 -1.06 50.41 33.45
C ARG B 32 -0.49 49.90 34.78
N GLY B 33 -1.01 48.79 35.28
CA GLY B 33 -0.49 48.17 36.47
C GLY B 33 1.00 47.87 36.40
N ASN B 34 1.41 47.08 35.40
CA ASN B 34 2.79 46.61 35.34
C ASN B 34 3.60 47.20 34.20
N GLN B 35 3.09 48.18 33.46
CA GLN B 35 3.85 48.91 32.43
C GLN B 35 4.35 48.01 31.28
N LYS B 36 3.65 46.92 30.99
CA LYS B 36 4.05 45.97 29.98
C LYS B 36 3.12 46.05 28.80
N ASN B 37 3.65 45.97 27.60
CA ASN B 37 2.82 45.91 26.40
C ASN B 37 2.62 44.46 26.00
N TYR B 38 1.37 44.02 25.94
CA TYR B 38 1.10 42.58 25.76
C TYR B 38 1.01 42.22 24.27
N LEU B 39 2.18 42.11 23.65
CA LEU B 39 2.31 41.85 22.23
C LEU B 39 3.27 40.68 22.05
N THR B 40 2.77 39.58 21.50
CA THR B 40 3.56 38.37 21.34
C THR B 40 3.87 38.13 19.85
N TRP B 41 5.06 37.58 19.57
CA TRP B 41 5.50 37.30 18.21
C TRP B 41 5.68 35.79 18.04
N PHE B 42 5.25 35.29 16.88
CA PHE B 42 5.32 33.87 16.57
C PHE B 42 5.93 33.65 15.20
N GLN B 43 6.60 32.52 15.05
CA GLN B 43 7.18 32.12 13.78
C GLN B 43 6.65 30.74 13.41
N GLN B 44 5.86 30.67 12.35
CA GLN B 44 5.30 29.41 11.89
C GLN B 44 5.96 29.00 10.59
N LYS B 45 6.69 27.91 10.63
CA LYS B 45 7.33 27.24 9.51
C LYS B 45 6.36 26.26 8.85
N PRO B 46 6.60 25.98 7.53
CA PRO B 46 5.73 25.05 6.77
C PRO B 46 5.26 23.81 7.51
N GLY B 47 3.94 23.65 7.59
CA GLY B 47 3.31 22.52 8.27
C GLY B 47 3.94 22.25 9.62
N GLN B 48 3.85 23.25 10.50
CA GLN B 48 4.45 23.17 11.82
C GLN B 48 3.67 24.11 12.70
N PRO B 49 3.50 23.80 13.98
CA PRO B 49 2.84 24.73 14.88
C PRO B 49 3.71 25.96 15.10
N PRO B 50 3.11 27.11 15.38
CA PRO B 50 3.93 28.31 15.57
C PRO B 50 4.89 28.13 16.74
N LYS B 51 6.08 28.70 16.59
CA LYS B 51 7.05 28.73 17.66
C LYS B 51 7.08 30.14 18.23
N LEU B 52 7.00 30.24 19.56
CA LEU B 52 6.99 31.53 20.24
C LEU B 52 8.36 32.21 20.18
N LEU B 53 8.36 33.51 19.84
CA LEU B 53 9.60 34.27 19.70
C LEU B 53 9.78 35.32 20.80
N ILE B 54 8.83 36.21 20.99
CA ILE B 54 8.99 37.38 21.86
C ILE B 54 7.68 37.64 22.58
N TYR B 55 7.74 37.92 23.89
CA TYR B 55 6.55 38.30 24.64
C TYR B 55 6.79 39.59 25.41
N TRP B 56 5.70 40.24 25.84
CA TRP B 56 5.75 41.58 26.46
C TRP B 56 6.47 42.57 25.54
N ALA B 57 6.32 42.35 24.24
CA ALA B 57 6.75 43.17 23.12
C ALA B 57 8.25 43.19 22.90
N SER B 58 9.05 42.86 23.91
CA SER B 58 10.49 42.89 23.70
C SER B 58 11.25 41.82 24.45
N THR B 59 10.59 40.90 25.15
CA THR B 59 11.28 39.87 25.90
C THR B 59 11.45 38.62 25.02
N ARG B 60 12.69 38.33 24.65
CA ARG B 60 13.02 37.19 23.84
C ARG B 60 12.85 35.91 24.66
N GLU B 61 12.00 35.00 24.20
CA GLU B 61 11.81 33.70 24.85
C GLU B 61 13.13 32.94 24.93
N SER B 62 13.27 32.10 25.96
CA SER B 62 14.50 31.36 26.16
C SER B 62 14.73 30.41 25.01
N GLY B 63 15.90 30.50 24.40
CA GLY B 63 16.23 29.60 23.30
C GLY B 63 16.31 30.28 21.97
N VAL B 64 15.68 31.45 21.82
CA VAL B 64 15.51 32.11 20.53
C VAL B 64 16.75 32.95 20.24
N PRO B 65 17.34 32.84 19.05
CA PRO B 65 18.57 33.59 18.73
C PRO B 65 18.37 35.09 18.82
N ASP B 66 19.38 35.78 19.37
CA ASP B 66 19.32 37.22 19.67
C ASP B 66 19.20 38.09 18.43
N ARG B 67 19.24 37.49 17.23
CA ARG B 67 18.92 38.20 16.01
C ARG B 67 17.49 38.71 16.04
N PHE B 68 16.60 37.97 16.69
CA PHE B 68 15.18 38.27 16.80
C PHE B 68 14.93 39.30 17.90
N SER B 69 14.59 40.52 17.53
CA SER B 69 14.43 41.60 18.49
C SER B 69 13.04 42.22 18.38
N GLY B 70 12.23 42.07 19.42
CA GLY B 70 10.95 42.74 19.48
C GLY B 70 11.11 44.12 20.08
N SER B 71 10.22 45.02 19.68
CA SER B 71 10.28 46.40 20.13
C SER B 71 8.94 47.06 19.84
N GLY B 72 8.82 48.32 20.23
CA GLY B 72 7.63 49.11 20.04
C GLY B 72 6.82 49.22 21.32
N SER B 73 5.88 50.16 21.32
CA SER B 73 4.92 50.24 22.41
C SER B 73 3.80 51.19 22.01
N GLY B 74 2.72 51.12 22.78
CA GLY B 74 1.49 51.85 22.47
C GLY B 74 0.63 51.05 21.50
N THR B 75 0.58 51.52 20.25
CA THR B 75 -0.13 50.83 19.19
C THR B 75 0.77 50.36 18.07
N ASP B 76 2.04 50.82 18.00
CA ASP B 76 2.96 50.53 16.90
C ASP B 76 4.10 49.66 17.40
N PHE B 77 4.22 48.45 16.85
CA PHE B 77 5.23 47.48 17.26
C PHE B 77 6.01 47.00 16.03
N THR B 78 7.18 46.41 16.28
CA THR B 78 8.05 46.00 15.19
C THR B 78 8.87 44.79 15.59
N LEU B 79 8.98 43.83 14.69
CA LEU B 79 9.89 42.69 14.84
C LEU B 79 11.05 42.83 13.87
N THR B 80 12.26 42.78 14.39
CA THR B 80 13.48 42.93 13.63
C THR B 80 14.27 41.62 13.70
N ILE B 81 14.59 41.07 12.54
CA ILE B 81 15.49 39.93 12.43
C ILE B 81 16.75 40.44 11.74
N SER B 82 17.81 40.60 12.51
N SER B 82 17.82 40.59 12.52
CA SER B 82 19.08 41.01 11.95
CA SER B 82 19.10 40.99 11.97
C SER B 82 19.84 39.79 11.41
C SER B 82 19.82 39.79 11.39
N SER B 83 20.77 40.07 10.48
CA SER B 83 21.64 39.07 9.85
C SER B 83 20.86 37.79 9.48
N LEU B 84 19.89 37.99 8.60
CA LEU B 84 18.91 36.98 8.25
C LEU B 84 19.56 35.69 7.77
N GLN B 85 18.97 34.56 8.16
CA GLN B 85 19.48 33.24 7.84
C GLN B 85 18.45 32.47 7.02
N ALA B 86 18.91 31.43 6.31
CA ALA B 86 18.04 30.68 5.42
C ALA B 86 16.93 29.99 6.20
N GLU B 87 17.24 29.50 7.39
CA GLU B 87 16.27 28.81 8.24
C GLU B 87 15.22 29.76 8.80
N ASP B 88 15.33 31.05 8.51
CA ASP B 88 14.35 32.02 8.97
C ASP B 88 13.14 32.16 8.05
N VAL B 89 13.02 31.34 7.02
CA VAL B 89 11.87 31.45 6.11
C VAL B 89 10.65 30.84 6.77
N ALA B 90 9.61 31.64 6.95
CA ALA B 90 8.41 31.22 7.67
C ALA B 90 7.41 32.38 7.64
N VAL B 91 6.21 32.11 8.12
CA VAL B 91 5.24 33.18 8.31
C VAL B 91 5.34 33.67 9.76
N TYR B 92 5.28 34.99 9.94
CA TYR B 92 5.43 35.62 11.24
C TYR B 92 4.13 36.27 11.65
N TYR B 93 3.68 35.99 12.87
CA TYR B 93 2.44 36.54 13.41
C TYR B 93 2.73 37.35 14.66
N CYS B 94 2.14 38.55 14.74
CA CYS B 94 2.00 39.29 16.00
C CYS B 94 0.63 38.99 16.62
N GLN B 95 0.60 38.84 17.94
CA GLN B 95 -0.63 38.53 18.64
C GLN B 95 -0.89 39.57 19.75
N ASN B 96 -2.14 40.05 19.81
CA ASN B 96 -2.69 40.71 20.99
C ASN B 96 -2.78 39.73 22.14
N ASP B 97 -2.05 40.02 23.21
CA ASP B 97 -2.06 39.16 24.39
C ASP B 97 -2.56 39.93 25.60
N TYR B 98 -3.34 40.97 25.34
CA TYR B 98 -3.82 41.94 26.31
C TYR B 98 -5.21 41.62 26.83
N THR B 99 -6.08 41.01 26.04
CA THR B 99 -7.42 40.72 26.52
C THR B 99 -8.06 39.69 25.60
N TYR B 100 -9.19 39.15 26.04
CA TYR B 100 -9.98 38.19 25.26
C TYR B 100 -11.01 38.92 24.40
N PRO B 101 -11.22 38.48 23.16
CA PRO B 101 -10.57 37.33 22.52
C PRO B 101 -9.14 37.63 22.10
N LEU B 102 -8.21 36.72 22.32
CA LEU B 102 -6.83 36.93 21.90
C LEU B 102 -6.74 36.93 20.38
N THR B 103 -6.35 38.05 19.79
CA THR B 103 -6.40 38.17 18.33
C THR B 103 -5.00 38.22 17.72
N PHE B 104 -4.83 37.48 16.63
CA PHE B 104 -3.57 37.42 15.88
C PHE B 104 -3.60 38.40 14.72
N GLY B 105 -2.41 38.79 14.29
CA GLY B 105 -2.26 39.48 13.02
C GLY B 105 -2.46 38.53 11.87
N GLN B 106 -2.56 39.09 10.67
CA GLN B 106 -2.96 38.30 9.52
C GLN B 106 -1.79 37.55 8.89
N GLY B 107 -0.57 37.79 9.36
CA GLY B 107 0.59 37.07 8.92
C GLY B 107 1.45 37.89 7.97
N THR B 108 2.72 37.53 7.89
CA THR B 108 3.68 38.17 7.00
C THR B 108 4.59 37.08 6.45
N LYS B 109 4.47 36.81 5.16
CA LYS B 109 5.23 35.73 4.52
C LYS B 109 6.61 36.27 4.17
N LEU B 110 7.65 35.79 4.85
CA LEU B 110 9.01 36.22 4.61
C LEU B 110 9.70 35.27 3.66
N GLU B 111 10.23 35.82 2.56
CA GLU B 111 11.03 35.07 1.61
C GLU B 111 12.50 35.50 1.70
N ILE B 112 13.39 34.52 1.57
CA ILE B 112 14.85 34.72 1.59
C ILE B 112 15.33 34.98 0.16
N LYS B 113 15.95 36.14 -0.09
CA LYS B 113 16.54 36.43 -1.39
C LYS B 113 17.93 35.81 -1.46
N ARG B 114 18.11 34.85 -2.34
CA ARG B 114 19.42 34.25 -2.58
C ARG B 114 19.85 34.58 -4.00
N THR B 115 20.99 34.02 -4.40
CA THR B 115 21.43 34.23 -5.76
C THR B 115 20.60 33.38 -6.69
N VAL B 116 20.81 33.59 -8.00
CA VAL B 116 20.01 32.91 -9.00
C VAL B 116 20.51 31.47 -9.13
N ALA B 117 19.56 30.53 -9.08
CA ALA B 117 19.78 29.10 -9.21
C ALA B 117 18.87 28.56 -10.31
N ALA B 118 19.43 27.74 -11.25
CA ALA B 118 18.57 27.29 -12.33
C ALA B 118 17.98 25.94 -12.00
N PRO B 119 16.76 25.67 -12.47
CA PRO B 119 16.16 24.35 -12.20
C PRO B 119 16.81 23.24 -13.00
N SER B 120 16.73 22.04 -12.45
CA SER B 120 16.92 20.83 -13.21
C SER B 120 15.55 20.27 -13.58
N VAL B 121 15.31 20.04 -14.87
CA VAL B 121 13.99 19.71 -15.36
C VAL B 121 13.94 18.24 -15.73
N PHE B 122 12.84 17.58 -15.35
CA PHE B 122 12.56 16.18 -15.63
C PHE B 122 11.14 16.05 -16.17
N ILE B 123 10.92 15.09 -17.07
CA ILE B 123 9.56 14.79 -17.54
C ILE B 123 9.25 13.32 -17.29
N PHE B 124 7.98 13.03 -17.04
CA PHE B 124 7.52 11.69 -16.73
C PHE B 124 6.31 11.36 -17.59
N PRO B 125 6.32 10.24 -18.30
CA PRO B 125 5.14 9.83 -19.07
C PRO B 125 4.08 9.29 -18.15
N PRO B 126 2.82 9.26 -18.57
CA PRO B 126 1.79 8.64 -17.73
C PRO B 126 1.90 7.12 -17.78
N SER B 127 1.82 6.50 -16.60
CA SER B 127 1.91 5.06 -16.49
C SER B 127 0.73 4.36 -17.17
N ASP B 128 0.98 3.15 -17.65
CA ASP B 128 -0.04 2.36 -18.31
C ASP B 128 -1.19 2.02 -17.36
N GLU B 129 -0.91 1.94 -16.05
CA GLU B 129 -1.93 1.62 -15.07
C GLU B 129 -2.97 2.72 -14.96
N GLN B 130 -2.52 3.98 -15.00
CA GLN B 130 -3.45 5.11 -14.91
C GLN B 130 -4.32 5.24 -16.15
N LEU B 131 -3.89 4.68 -17.28
CA LEU B 131 -4.63 4.81 -18.52
C LEU B 131 -5.89 3.96 -18.56
N LYS B 132 -5.96 2.91 -17.74
CA LYS B 132 -7.20 2.15 -17.66
C LYS B 132 -8.33 3.00 -17.09
N SER B 133 -8.01 3.84 -16.12
CA SER B 133 -8.99 4.77 -15.54
C SER B 133 -9.45 5.83 -16.52
N GLY B 134 -8.88 5.90 -17.71
CA GLY B 134 -9.34 6.83 -18.73
C GLY B 134 -8.72 8.21 -18.71
N THR B 135 -7.66 8.44 -17.95
CA THR B 135 -7.00 9.74 -17.92
C THR B 135 -5.49 9.54 -17.87
N ALA B 136 -4.77 10.55 -18.35
CA ALA B 136 -3.32 10.51 -18.49
C ALA B 136 -2.71 11.72 -17.83
N SER B 137 -1.94 11.51 -16.79
CA SER B 137 -1.27 12.61 -16.10
C SER B 137 0.19 12.65 -16.51
N VAL B 138 0.55 13.67 -17.26
CA VAL B 138 1.93 13.93 -17.64
C VAL B 138 2.51 14.94 -16.64
N VAL B 139 3.58 14.57 -15.95
CA VAL B 139 4.17 15.41 -14.91
C VAL B 139 5.49 15.95 -15.43
N CYS B 140 5.79 17.21 -15.08
CA CYS B 140 7.05 17.87 -15.35
C CYS B 140 7.55 18.46 -14.05
N LEU B 141 8.78 18.12 -13.65
CA LEU B 141 9.38 18.54 -12.39
C LEU B 141 10.48 19.57 -12.60
N LEU B 142 10.34 20.73 -11.98
CA LEU B 142 11.39 21.74 -11.92
C LEU B 142 12.05 21.69 -10.54
N ASN B 143 13.31 21.33 -10.49
CA ASN B 143 13.96 21.02 -9.23
C ASN B 143 14.98 22.08 -8.82
N ASN B 144 14.78 22.68 -7.65
CA ASN B 144 15.76 23.50 -6.93
C ASN B 144 16.18 24.76 -7.71
N PHE B 145 15.27 25.73 -7.77
CA PHE B 145 15.52 26.98 -8.48
C PHE B 145 15.13 28.19 -7.64
N TYR B 146 15.75 29.34 -7.97
CA TYR B 146 15.42 30.61 -7.34
C TYR B 146 15.62 31.70 -8.38
N PRO B 147 14.72 32.69 -8.49
CA PRO B 147 13.48 33.01 -7.76
C PRO B 147 12.26 32.16 -8.18
N ARG B 148 11.05 32.46 -7.67
CA ARG B 148 9.89 31.62 -7.97
C ARG B 148 9.55 31.63 -9.44
N GLU B 149 9.70 32.77 -10.11
CA GLU B 149 9.24 32.93 -11.49
C GLU B 149 9.89 31.92 -12.42
N ALA B 150 9.06 31.00 -12.91
CA ALA B 150 9.43 29.94 -13.84
C ALA B 150 8.23 29.71 -14.74
N LYS B 151 8.49 29.44 -16.01
CA LYS B 151 7.42 29.28 -17.00
C LYS B 151 7.52 27.91 -17.64
N VAL B 152 6.60 27.02 -17.29
CA VAL B 152 6.46 25.74 -17.96
C VAL B 152 5.50 25.92 -19.13
N GLN B 153 5.79 25.27 -20.26
CA GLN B 153 4.89 25.24 -21.40
C GLN B 153 4.75 23.80 -21.89
N TRP B 154 3.53 23.35 -22.08
CA TRP B 154 3.28 22.00 -22.53
C TRP B 154 2.99 21.99 -24.02
N LYS B 155 3.69 21.14 -24.76
CA LYS B 155 3.43 20.96 -26.18
C LYS B 155 3.10 19.50 -26.45
N VAL B 156 2.08 19.28 -27.28
CA VAL B 156 1.64 17.94 -27.63
C VAL B 156 1.66 17.86 -29.16
N ASP B 157 2.64 17.14 -29.70
CA ASP B 157 2.96 17.14 -31.13
C ASP B 157 3.17 18.57 -31.63
N ASN B 158 3.97 19.31 -30.87
CA ASN B 158 4.40 20.69 -31.09
C ASN B 158 3.29 21.73 -30.97
N ALA B 159 2.08 21.33 -30.60
CA ALA B 159 0.97 22.27 -30.42
C ALA B 159 0.86 22.68 -28.95
N LEU B 160 0.91 23.99 -28.71
CA LEU B 160 0.90 24.54 -27.37
C LEU B 160 -0.38 24.20 -26.64
N GLN B 161 -0.25 23.77 -25.40
CA GLN B 161 -1.37 23.40 -24.55
C GLN B 161 -1.90 24.63 -23.84
N SER B 162 -3.18 24.55 -23.43
CA SER B 162 -3.81 25.65 -22.72
C SER B 162 -4.90 25.12 -21.81
N GLY B 163 -4.86 25.54 -20.54
CA GLY B 163 -5.90 25.26 -19.60
C GLY B 163 -5.87 23.89 -18.96
N ASN B 164 -5.20 22.92 -19.57
CA ASN B 164 -5.21 21.55 -19.06
C ASN B 164 -4.00 21.23 -18.18
N SER B 165 -3.34 22.24 -17.62
CA SER B 165 -2.17 22.03 -16.75
C SER B 165 -2.39 22.76 -15.43
N GLN B 166 -1.71 22.27 -14.39
CA GLN B 166 -1.73 22.84 -13.04
C GLN B 166 -0.32 22.81 -12.44
N GLU B 167 0.11 23.94 -11.90
CA GLU B 167 1.42 24.05 -11.24
C GLU B 167 1.27 24.09 -9.73
N SER B 168 2.25 23.51 -9.04
CA SER B 168 2.21 23.40 -7.59
C SER B 168 3.64 23.53 -7.07
N VAL B 169 3.82 24.28 -5.98
CA VAL B 169 5.15 24.65 -5.53
C VAL B 169 5.43 24.18 -4.10
N THR B 170 6.69 23.88 -3.81
CA THR B 170 7.11 23.56 -2.46
C THR B 170 7.47 24.83 -1.70
N GLU B 171 7.67 24.66 -0.40
CA GLU B 171 8.08 25.79 0.42
C GLU B 171 9.56 26.03 0.24
N GLN B 172 9.96 27.30 0.26
CA GLN B 172 11.35 27.67 0.06
C GLN B 172 12.23 26.93 1.06
N ASP B 173 13.36 26.42 0.58
CA ASP B 173 14.10 25.44 1.36
C ASP B 173 14.77 26.07 2.57
N SER B 174 14.69 25.37 3.71
CA SER B 174 15.24 25.88 4.95
C SER B 174 16.75 25.89 4.95
N LYS B 175 17.39 25.09 4.07
CA LYS B 175 18.84 25.10 3.91
C LYS B 175 19.30 25.87 2.67
N ASP B 176 18.92 25.45 1.46
CA ASP B 176 19.45 26.07 0.23
C ASP B 176 18.52 27.12 -0.40
N SER B 177 17.39 27.43 0.22
CA SER B 177 16.53 28.56 -0.14
C SER B 177 15.96 28.48 -1.55
N THR B 178 15.81 27.28 -2.09
CA THR B 178 15.27 27.17 -3.44
C THR B 178 13.85 26.59 -3.43
N TYR B 179 13.13 26.90 -4.52
CA TYR B 179 11.83 26.34 -4.85
C TYR B 179 11.91 25.07 -5.70
N SER B 180 10.88 24.24 -5.60
CA SER B 180 10.65 23.11 -6.48
C SER B 180 9.25 23.20 -7.05
N LEU B 181 9.06 22.72 -8.28
CA LEU B 181 7.80 22.91 -8.99
C LEU B 181 7.39 21.64 -9.73
N SER B 182 6.11 21.28 -9.61
CA SER B 182 5.52 20.24 -10.44
C SER B 182 4.46 20.85 -11.34
N SER B 183 4.49 20.48 -12.62
CA SER B 183 3.46 20.84 -13.57
C SER B 183 2.84 19.57 -14.12
N THR B 184 1.54 19.40 -13.89
CA THR B 184 0.83 18.19 -14.28
C THR B 184 -0.16 18.54 -15.38
N LEU B 185 0.08 18.01 -16.57
CA LEU B 185 -0.83 18.08 -17.70
C LEU B 185 -1.80 16.92 -17.59
N THR B 186 -3.09 17.22 -17.53
CA THR B 186 -4.11 16.17 -17.44
C THR B 186 -4.82 16.05 -18.78
N LEU B 187 -4.76 14.86 -19.37
CA LEU B 187 -5.41 14.57 -20.63
C LEU B 187 -6.23 13.30 -20.51
N SER B 188 -7.28 13.21 -21.32
CA SER B 188 -8.00 11.95 -21.49
C SER B 188 -7.12 10.91 -22.16
N LYS B 189 -7.41 9.62 -21.89
CA LYS B 189 -6.64 8.55 -22.52
C LYS B 189 -6.81 8.59 -24.02
N ALA B 190 -8.04 8.82 -24.48
CA ALA B 190 -8.30 8.95 -25.90
C ALA B 190 -7.43 10.02 -26.51
N ASP B 191 -7.40 11.21 -25.90
CA ASP B 191 -6.60 12.30 -26.45
C ASP B 191 -5.11 12.02 -26.30
N TYR B 192 -4.70 11.41 -25.18
CA TYR B 192 -3.30 11.09 -25.04
C TYR B 192 -2.85 10.14 -26.14
N GLU B 193 -3.69 9.16 -26.48
CA GLU B 193 -3.33 8.14 -27.46
C GLU B 193 -3.38 8.64 -28.89
N LYS B 194 -4.02 9.78 -29.12
CA LYS B 194 -4.14 10.34 -30.47
C LYS B 194 -2.87 11.08 -30.89
N HIS B 195 -1.97 11.41 -29.97
CA HIS B 195 -0.77 12.18 -30.27
C HIS B 195 0.48 11.44 -29.85
N LYS B 196 1.63 11.90 -30.34
CA LYS B 196 2.87 11.17 -30.19
C LYS B 196 3.92 11.87 -29.33
N VAL B 197 4.28 13.11 -29.63
CA VAL B 197 5.41 13.77 -28.98
C VAL B 197 4.90 14.64 -27.83
N TYR B 198 5.39 14.37 -26.63
CA TYR B 198 4.99 15.12 -25.44
C TYR B 198 6.20 15.84 -24.91
N ALA B 199 6.07 17.15 -24.69
CA ALA B 199 7.24 17.94 -24.39
C ALA B 199 6.91 18.98 -23.33
N CYS B 200 7.91 19.28 -22.51
CA CYS B 200 7.88 20.24 -21.42
C CYS B 200 8.94 21.31 -21.72
N GLU B 201 8.53 22.56 -21.89
CA GLU B 201 9.48 23.61 -22.23
C GLU B 201 9.55 24.61 -21.08
N VAL B 202 10.74 24.75 -20.49
CA VAL B 202 10.92 25.48 -19.25
C VAL B 202 11.87 26.65 -19.48
N THR B 203 11.47 27.83 -18.98
CA THR B 203 12.31 29.01 -18.97
C THR B 203 12.45 29.54 -17.55
N HIS B 204 13.61 30.10 -17.26
CA HIS B 204 13.97 30.57 -15.93
C HIS B 204 15.14 31.54 -16.06
N GLN B 205 15.13 32.60 -15.27
CA GLN B 205 16.19 33.60 -15.21
C GLN B 205 17.59 32.99 -15.24
N GLY B 206 17.80 31.90 -14.51
CA GLY B 206 19.08 31.23 -14.38
C GLY B 206 19.50 30.35 -15.53
N LEU B 207 18.60 30.09 -16.47
CA LEU B 207 18.90 29.36 -17.69
C LEU B 207 19.36 30.33 -18.77
N SER B 208 19.95 29.79 -19.84
CA SER B 208 20.34 30.65 -20.95
C SER B 208 19.30 30.68 -22.05
N SER B 209 18.71 29.54 -22.31
CA SER B 209 17.77 29.31 -23.38
C SER B 209 16.70 28.41 -22.78
N PRO B 210 15.60 28.16 -23.49
CA PRO B 210 14.61 27.23 -22.95
C PRO B 210 15.17 25.83 -22.86
N VAL B 211 14.69 25.07 -21.90
CA VAL B 211 15.06 23.68 -21.72
C VAL B 211 13.81 22.83 -22.00
N THR B 212 13.95 21.83 -22.87
CA THR B 212 12.82 21.02 -23.31
C THR B 212 13.09 19.57 -23.00
N LYS B 213 12.28 18.97 -22.14
CA LYS B 213 12.30 17.53 -21.93
C LYS B 213 11.12 16.90 -22.64
N SER B 214 11.40 15.83 -23.40
CA SER B 214 10.38 15.21 -24.24
C SER B 214 10.45 13.70 -24.12
N PHE B 215 9.41 13.06 -24.65
CA PHE B 215 9.28 11.62 -24.76
C PHE B 215 8.22 11.35 -25.84
N ASN B 216 8.35 10.22 -26.51
CA ASN B 216 7.39 9.81 -27.52
C ASN B 216 6.52 8.69 -26.97
N ARG B 217 5.22 8.81 -27.16
CA ARG B 217 4.30 7.77 -26.74
C ARG B 217 4.49 6.52 -27.61
N GLY B 218 4.63 5.37 -26.97
CA GLY B 218 4.78 4.10 -27.68
C GLY B 218 6.21 3.73 -28.06
N GLU B 219 7.01 4.71 -28.48
CA GLU B 219 8.43 4.47 -28.69
C GLU B 219 9.12 4.11 -27.39
N CYS B 220 9.13 5.06 -26.45
CA CYS B 220 9.62 4.90 -25.07
C CYS B 220 9.45 6.22 -24.32
N GLU C 1 19.46 -29.10 1.57
CA GLU C 1 18.20 -29.58 1.02
C GLU C 1 18.02 -29.20 -0.46
N VAL C 2 17.41 -30.13 -1.20
CA VAL C 2 17.25 -30.01 -2.64
C VAL C 2 16.10 -29.07 -2.95
N GLN C 3 16.36 -28.04 -3.75
CA GLN C 3 15.27 -27.13 -4.13
C GLN C 3 15.61 -26.35 -5.39
N LEU C 4 14.57 -26.15 -6.21
CA LEU C 4 14.59 -25.34 -7.42
C LEU C 4 13.75 -24.09 -7.20
N VAL C 5 14.25 -22.94 -7.61
CA VAL C 5 13.57 -21.67 -7.34
C VAL C 5 13.45 -20.87 -8.63
N GLU C 6 12.21 -20.61 -9.06
CA GLU C 6 12.00 -19.88 -10.30
C GLU C 6 11.91 -18.38 -10.06
N SER C 7 12.19 -17.64 -11.13
CA SER C 7 12.03 -16.21 -11.17
C SER C 7 11.94 -15.79 -12.63
N GLY C 8 11.50 -14.55 -12.85
CA GLY C 8 11.46 -13.96 -14.16
C GLY C 8 10.09 -13.91 -14.80
N GLY C 9 9.03 -14.25 -14.06
CA GLY C 9 7.68 -14.23 -14.59
C GLY C 9 7.09 -12.83 -14.62
N GLY C 10 5.94 -12.71 -15.25
CA GLY C 10 5.22 -11.45 -15.28
C GLY C 10 4.41 -11.29 -16.55
N LEU C 11 3.97 -10.06 -16.76
CA LEU C 11 3.10 -9.70 -17.85
C LEU C 11 3.92 -9.20 -19.02
N VAL C 12 3.60 -9.68 -20.22
CA VAL C 12 4.31 -9.31 -21.43
C VAL C 12 3.27 -9.16 -22.52
N LYS C 13 3.53 -8.29 -23.45
CA LYS C 13 2.58 -8.07 -24.52
C LYS C 13 2.79 -9.10 -25.62
N PRO C 14 1.77 -9.40 -26.41
CA PRO C 14 1.94 -10.38 -27.50
C PRO C 14 3.09 -10.02 -28.42
N GLY C 15 3.89 -11.03 -28.77
CA GLY C 15 5.10 -10.84 -29.53
C GLY C 15 6.32 -10.56 -28.68
N GLY C 16 6.16 -9.94 -27.51
CA GLY C 16 7.26 -9.61 -26.61
C GLY C 16 8.10 -10.75 -26.08
N SER C 17 9.00 -10.48 -25.13
CA SER C 17 9.97 -11.49 -24.71
C SER C 17 10.23 -11.43 -23.21
N LEU C 18 10.63 -12.56 -22.66
CA LEU C 18 10.78 -12.79 -21.23
C LEU C 18 11.88 -13.82 -21.04
N ARG C 19 12.56 -13.80 -19.88
CA ARG C 19 13.57 -14.83 -19.61
C ARG C 19 13.38 -15.41 -18.22
N LEU C 20 13.03 -16.70 -18.16
CA LEU C 20 12.73 -17.39 -16.93
C LEU C 20 13.99 -18.04 -16.37
N SER C 21 14.11 -18.07 -15.04
CA SER C 21 15.29 -18.58 -14.37
C SER C 21 14.91 -19.63 -13.35
N CYS C 22 15.66 -20.72 -13.34
CA CYS C 22 15.51 -21.75 -12.33
C CYS C 22 16.83 -21.89 -11.58
N ALA C 23 16.81 -21.63 -10.29
CA ALA C 23 18.03 -21.58 -9.48
C ALA C 23 18.10 -22.85 -8.64
N ALA C 24 18.88 -23.82 -9.11
CA ALA C 24 19.03 -25.08 -8.41
C ALA C 24 19.95 -24.97 -7.21
N SER C 25 19.63 -25.74 -6.17
CA SER C 25 20.48 -25.82 -4.98
C SER C 25 20.31 -27.18 -4.32
N GLY C 26 21.40 -27.67 -3.72
CA GLY C 26 21.34 -28.80 -2.82
C GLY C 26 21.56 -30.15 -3.46
N PHE C 27 22.08 -30.20 -4.68
CA PHE C 27 22.38 -31.44 -5.38
C PHE C 27 23.39 -31.11 -6.47
N THR C 28 23.88 -32.14 -7.15
CA THR C 28 24.86 -31.86 -8.21
C THR C 28 24.11 -31.51 -9.48
N PHE C 29 23.85 -30.21 -9.67
CA PHE C 29 23.02 -29.71 -10.77
C PHE C 29 23.47 -30.26 -12.11
N SER C 30 24.78 -30.39 -12.31
CA SER C 30 25.34 -30.76 -13.60
C SER C 30 25.11 -32.23 -13.95
N ASP C 31 24.81 -33.05 -12.95
CA ASP C 31 24.51 -34.46 -13.11
C ASP C 31 23.12 -34.71 -13.69
N TYR C 32 22.26 -33.70 -13.76
CA TYR C 32 20.86 -33.92 -14.04
C TYR C 32 20.46 -33.25 -15.34
N GLY C 33 19.48 -33.84 -16.01
CA GLY C 33 18.79 -33.16 -17.07
C GLY C 33 17.72 -32.25 -16.51
N MET C 34 17.45 -31.17 -17.25
CA MET C 34 16.56 -30.12 -16.78
C MET C 34 15.42 -29.90 -17.78
N ASN C 35 14.27 -29.48 -17.27
CA ASN C 35 13.07 -29.38 -18.09
C ASN C 35 12.25 -28.15 -17.72
N TRP C 36 11.50 -27.66 -18.69
CA TRP C 36 10.39 -26.74 -18.41
C TRP C 36 9.07 -27.46 -18.68
N VAL C 37 8.15 -27.38 -17.72
CA VAL C 37 6.77 -27.83 -17.88
C VAL C 37 5.86 -26.66 -17.52
N ARG C 38 4.83 -26.41 -18.33
CA ARG C 38 3.86 -25.35 -18.04
C ARG C 38 2.45 -25.90 -17.82
N GLN C 39 1.65 -25.09 -17.11
CA GLN C 39 0.25 -25.38 -16.80
C GLN C 39 -0.66 -24.17 -17.09
N ALA C 40 -1.35 -24.20 -18.23
CA ALA C 40 -2.31 -23.16 -18.60
C ALA C 40 -3.44 -23.06 -17.57
N PRO C 41 -3.96 -21.86 -17.32
CA PRO C 41 -4.94 -21.69 -16.25
C PRO C 41 -6.16 -22.58 -16.45
N GLY C 42 -6.47 -23.37 -15.41
CA GLY C 42 -7.55 -24.34 -15.45
C GLY C 42 -7.24 -25.60 -16.23
N LYS C 43 -6.19 -25.62 -17.02
CA LYS C 43 -5.87 -26.78 -17.85
C LYS C 43 -4.81 -27.63 -17.14
N GLY C 44 -4.26 -28.59 -17.86
CA GLY C 44 -3.35 -29.58 -17.31
C GLY C 44 -1.90 -29.25 -17.58
N LEU C 45 -1.05 -30.27 -17.45
CA LEU C 45 0.39 -30.11 -17.59
C LEU C 45 0.86 -30.33 -19.02
N GLU C 46 1.85 -29.52 -19.46
CA GLU C 46 2.42 -29.62 -20.81
C GLU C 46 3.94 -29.49 -20.73
N TRP C 47 4.66 -30.58 -21.05
CA TRP C 47 6.11 -30.52 -21.16
C TRP C 47 6.51 -29.68 -22.36
N ILE C 48 7.46 -28.75 -22.19
CA ILE C 48 7.84 -27.95 -23.35
C ILE C 48 9.31 -28.07 -23.75
N ALA C 49 10.21 -28.38 -22.82
CA ALA C 49 11.63 -28.36 -23.21
C ALA C 49 12.46 -29.17 -22.24
N TYR C 50 13.52 -29.76 -22.81
CA TYR C 50 14.47 -30.60 -22.10
C TYR C 50 15.89 -30.21 -22.45
N ILE C 51 16.78 -30.26 -21.48
CA ILE C 51 18.21 -30.21 -21.77
C ILE C 51 18.91 -31.27 -20.94
N SER C 52 19.70 -32.11 -21.61
CA SER C 52 20.40 -33.18 -20.92
C SER C 52 21.64 -32.66 -20.19
N SER C 53 22.16 -33.49 -19.29
CA SER C 53 23.46 -33.27 -18.69
C SER C 53 24.54 -33.68 -19.69
N GLY C 54 25.80 -33.60 -19.27
CA GLY C 54 26.89 -34.03 -20.11
C GLY C 54 27.05 -33.20 -21.37
N ARG C 55 26.71 -33.80 -22.52
CA ARG C 55 26.85 -33.13 -23.81
C ARG C 55 25.87 -31.98 -23.96
N GLY C 56 24.70 -32.08 -23.31
CA GLY C 56 23.69 -31.05 -23.35
C GLY C 56 22.78 -31.09 -24.56
N ASN C 57 22.21 -32.24 -24.85
CA ASN C 57 21.26 -32.34 -25.95
C ASN C 57 19.97 -31.62 -25.59
N ILE C 58 19.22 -31.22 -26.62
CA ILE C 58 18.03 -30.42 -26.41
C ILE C 58 16.89 -30.95 -27.25
N TYR C 59 15.75 -31.23 -26.60
CA TYR C 59 14.48 -31.52 -27.27
C TYR C 59 13.42 -30.51 -26.84
N TYR C 60 12.55 -30.12 -27.77
CA TYR C 60 11.50 -29.11 -27.55
C TYR C 60 10.14 -29.67 -27.91
N ALA C 61 9.12 -29.19 -27.23
CA ALA C 61 7.76 -29.47 -27.69
C ALA C 61 7.49 -28.66 -28.96
N ASP C 62 6.80 -29.29 -29.92
CA ASP C 62 6.54 -28.69 -31.23
C ASP C 62 5.96 -27.28 -31.12
N THR C 63 5.14 -27.02 -30.10
CA THR C 63 4.49 -25.72 -29.96
C THR C 63 5.47 -24.60 -29.63
N VAL C 64 6.59 -24.89 -28.99
CA VAL C 64 7.52 -23.81 -28.62
C VAL C 64 8.76 -23.79 -29.51
N LYS C 65 8.85 -24.63 -30.54
CA LYS C 65 10.04 -24.64 -31.39
C LYS C 65 10.19 -23.32 -32.18
N GLY C 66 11.42 -22.85 -32.27
CA GLY C 66 11.70 -21.61 -32.97
C GLY C 66 11.38 -20.34 -32.20
N ARG C 67 10.74 -20.46 -31.04
CA ARG C 67 10.41 -19.30 -30.23
C ARG C 67 11.10 -19.32 -28.86
N PHE C 68 11.09 -20.46 -28.18
CA PHE C 68 11.66 -20.60 -26.86
C PHE C 68 13.01 -21.27 -26.97
N THR C 69 13.93 -20.90 -26.08
CA THR C 69 15.31 -21.42 -26.05
C THR C 69 15.70 -21.84 -24.64
N ILE C 70 15.77 -23.15 -24.38
CA ILE C 70 16.28 -23.64 -23.10
C ILE C 70 17.80 -23.60 -23.08
N SER C 71 18.39 -23.43 -21.88
CA SER C 71 19.84 -23.33 -21.68
C SER C 71 20.17 -23.46 -20.19
N ARG C 72 21.46 -23.67 -19.89
CA ARG C 72 21.86 -23.87 -18.50
C ARG C 72 23.25 -23.31 -18.25
N ASP C 73 23.46 -22.81 -17.03
CA ASP C 73 24.78 -22.38 -16.53
C ASP C 73 25.08 -23.25 -15.32
N ASN C 74 26.02 -24.17 -15.46
CA ASN C 74 26.31 -25.11 -14.39
C ASN C 74 27.13 -24.49 -13.27
N ALA C 75 27.83 -23.39 -13.56
CA ALA C 75 28.57 -22.69 -12.50
C ALA C 75 27.60 -22.02 -11.55
N LYS C 76 26.62 -21.28 -12.09
CA LYS C 76 25.57 -20.67 -11.28
C LYS C 76 24.49 -21.65 -10.90
N ASN C 77 24.50 -22.87 -11.44
CA ASN C 77 23.50 -23.88 -11.14
C ASN C 77 22.11 -23.34 -11.47
N SER C 78 21.96 -22.89 -12.71
CA SER C 78 20.81 -22.14 -13.16
C SER C 78 20.33 -22.67 -14.49
N LEU C 79 19.02 -22.87 -14.61
CA LEU C 79 18.38 -23.21 -15.85
C LEU C 79 17.59 -22.00 -16.32
N TYR C 80 17.59 -21.75 -17.63
CA TYR C 80 16.86 -20.63 -18.21
C TYR C 80 15.90 -21.09 -19.30
N LEU C 81 14.86 -20.30 -19.48
CA LEU C 81 14.02 -20.42 -20.66
C LEU C 81 13.91 -19.01 -21.24
N GLN C 82 14.54 -18.76 -22.37
CA GLN C 82 14.31 -17.51 -23.05
C GLN C 82 13.08 -17.67 -23.93
N MET C 83 12.02 -16.93 -23.61
CA MET C 83 10.78 -16.95 -24.37
C MET C 83 10.70 -15.74 -25.29
N ASN C 84 10.39 -16.00 -26.55
CA ASN C 84 10.30 -14.95 -27.56
C ASN C 84 9.05 -15.22 -28.39
N SER C 85 8.60 -14.23 -29.14
CA SER C 85 7.51 -14.40 -30.10
C SER C 85 6.22 -14.86 -29.41
N LEU C 86 5.96 -14.29 -28.23
CA LEU C 86 5.02 -14.84 -27.29
C LEU C 86 3.59 -14.76 -27.81
N ARG C 87 2.78 -15.73 -27.44
CA ARG C 87 1.41 -15.84 -27.88
C ARG C 87 0.49 -15.87 -26.68
N ALA C 88 -0.80 -15.67 -26.92
CA ALA C 88 -1.77 -15.75 -25.83
C ALA C 88 -1.83 -17.16 -25.25
N GLU C 89 -1.62 -18.16 -26.10
CA GLU C 89 -1.54 -19.55 -25.68
C GLU C 89 -0.49 -19.74 -24.60
N ASP C 90 0.60 -18.97 -24.65
CA ASP C 90 1.74 -19.16 -23.76
C ASP C 90 1.46 -18.72 -22.33
N THR C 91 0.32 -18.08 -22.05
CA THR C 91 -0.01 -17.76 -20.67
C THR C 91 -0.16 -19.03 -19.87
N ALA C 92 0.61 -19.13 -18.79
CA ALA C 92 0.64 -20.32 -17.96
C ALA C 92 1.62 -20.11 -16.81
N VAL C 93 1.51 -20.98 -15.81
CA VAL C 93 2.50 -21.12 -14.76
C VAL C 93 3.57 -22.07 -15.29
N TYR C 94 4.83 -21.68 -15.11
CA TYR C 94 5.97 -22.40 -15.68
C TYR C 94 6.79 -23.01 -14.56
N TYR C 95 6.87 -24.34 -14.56
CA TYR C 95 7.65 -25.12 -13.61
C TYR C 95 8.93 -25.62 -14.26
N CYS C 96 10.06 -25.43 -13.59
CA CYS C 96 11.27 -26.18 -13.91
C CYS C 96 11.26 -27.50 -13.14
N ALA C 97 11.75 -28.55 -13.79
CA ALA C 97 11.85 -29.86 -13.15
C ALA C 97 13.12 -30.55 -13.59
N ARG C 98 13.76 -31.24 -12.64
CA ARG C 98 14.96 -31.99 -12.95
C ARG C 98 14.59 -33.43 -13.24
N SER C 99 15.40 -34.10 -14.05
CA SER C 99 15.05 -35.46 -14.44
C SER C 99 16.30 -36.31 -14.63
N TRP C 100 16.19 -37.56 -14.23
CA TRP C 100 17.13 -38.65 -14.50
C TRP C 100 16.31 -39.89 -14.86
N GLY C 101 15.33 -39.71 -15.74
CA GLY C 101 14.36 -40.74 -16.06
C GLY C 101 12.93 -40.33 -15.73
N TYR C 102 12.76 -39.47 -14.72
CA TYR C 102 11.45 -38.98 -14.29
C TYR C 102 11.66 -37.68 -13.53
N PHE C 103 10.59 -36.89 -13.40
CA PHE C 103 10.70 -35.57 -12.78
C PHE C 103 10.53 -35.76 -11.28
N ASP C 104 11.61 -35.63 -10.51
CA ASP C 104 11.49 -35.84 -9.07
C ASP C 104 11.67 -34.58 -8.25
N VAL C 105 11.96 -33.45 -8.88
CA VAL C 105 12.05 -32.18 -8.18
C VAL C 105 11.49 -31.10 -9.08
N TRP C 106 10.62 -30.26 -8.53
CA TRP C 106 9.90 -29.25 -9.27
C TRP C 106 10.12 -27.86 -8.66
N GLY C 107 10.29 -26.86 -9.52
CA GLY C 107 10.28 -25.49 -9.04
C GLY C 107 8.93 -25.13 -8.43
N GLN C 108 8.89 -23.99 -7.75
CA GLN C 108 7.64 -23.52 -7.17
C GLN C 108 6.66 -22.99 -8.22
N GLY C 109 7.11 -22.72 -9.42
CA GLY C 109 6.26 -22.16 -10.45
C GLY C 109 6.43 -20.65 -10.59
N THR C 110 6.18 -20.15 -11.79
CA THR C 110 6.30 -18.73 -12.06
C THR C 110 5.25 -18.40 -13.12
N THR C 111 4.43 -17.39 -12.86
CA THR C 111 3.30 -17.12 -13.74
C THR C 111 3.71 -16.17 -14.86
N VAL C 112 3.39 -16.57 -16.10
CA VAL C 112 3.61 -15.74 -17.28
C VAL C 112 2.26 -15.46 -17.90
N THR C 113 1.89 -14.18 -18.00
CA THR C 113 0.65 -13.75 -18.63
C THR C 113 0.98 -12.97 -19.89
N VAL C 114 0.36 -13.34 -21.00
CA VAL C 114 0.55 -12.64 -22.26
C VAL C 114 -0.72 -11.88 -22.57
N SER C 115 -0.61 -10.56 -22.70
CA SER C 115 -1.80 -9.75 -22.89
C SER C 115 -1.43 -8.37 -23.40
N SER C 116 -2.30 -7.82 -24.23
CA SER C 116 -2.14 -6.44 -24.63
C SER C 116 -2.54 -5.50 -23.51
N ALA C 117 -3.51 -5.93 -22.70
CA ALA C 117 -3.96 -5.20 -21.52
C ALA C 117 -2.80 -4.95 -20.58
N SER C 118 -2.92 -3.88 -19.81
CA SER C 118 -1.83 -3.46 -18.97
C SER C 118 -2.18 -3.64 -17.50
N THR C 119 -1.18 -3.48 -16.67
CA THR C 119 -1.34 -3.85 -15.30
C THR C 119 -2.19 -2.79 -14.57
N LYS C 120 -2.81 -3.21 -13.49
CA LYS C 120 -3.63 -2.37 -12.64
C LYS C 120 -3.61 -2.98 -11.26
N GLY C 121 -3.32 -2.17 -10.25
CA GLY C 121 -3.28 -2.63 -8.89
C GLY C 121 -4.66 -2.66 -8.27
N PRO C 122 -4.80 -3.40 -7.19
CA PRO C 122 -6.13 -3.60 -6.60
C PRO C 122 -6.54 -2.40 -5.76
N SER C 123 -7.84 -2.10 -5.81
CA SER C 123 -8.53 -1.26 -4.84
C SER C 123 -9.02 -2.16 -3.72
N VAL C 124 -8.53 -1.96 -2.51
CA VAL C 124 -8.91 -2.83 -1.40
C VAL C 124 -10.04 -2.19 -0.60
N PHE C 125 -11.05 -2.98 -0.32
CA PHE C 125 -12.19 -2.50 0.44
C PHE C 125 -12.42 -3.42 1.61
N PRO C 126 -12.90 -2.89 2.73
CA PRO C 126 -13.14 -3.74 3.89
C PRO C 126 -14.48 -4.44 3.79
N LEU C 127 -14.51 -5.65 4.34
CA LEU C 127 -15.73 -6.40 4.60
C LEU C 127 -15.89 -6.35 6.12
N ALA C 128 -16.60 -5.33 6.58
CA ALA C 128 -16.70 -5.05 8.00
C ALA C 128 -17.56 -6.09 8.71
N PRO C 129 -17.21 -6.47 9.95
CA PRO C 129 -17.93 -7.55 10.64
C PRO C 129 -19.25 -7.11 11.26
N SER C 130 -20.26 -7.99 11.13
CA SER C 130 -21.64 -7.88 11.63
C SER C 130 -22.09 -6.50 12.11
N GLY C 137 -22.51 -15.68 18.59
CA GLY C 137 -21.41 -16.61 18.69
C GLY C 137 -20.85 -17.02 17.35
N THR C 138 -20.69 -16.04 16.46
CA THR C 138 -20.11 -16.21 15.13
C THR C 138 -19.66 -14.82 14.63
N ALA C 139 -18.36 -14.64 14.35
CA ALA C 139 -17.87 -13.35 13.86
C ALA C 139 -16.92 -13.50 12.67
N ALA C 140 -17.23 -12.82 11.56
CA ALA C 140 -16.42 -12.88 10.35
C ALA C 140 -16.22 -11.48 9.76
N LEU C 141 -15.04 -11.29 9.14
CA LEU C 141 -14.69 -10.04 8.48
C LEU C 141 -13.73 -10.36 7.33
N GLY C 142 -13.46 -9.37 6.48
CA GLY C 142 -12.54 -9.63 5.40
C GLY C 142 -12.20 -8.44 4.54
N CYS C 143 -11.68 -8.75 3.36
CA CYS C 143 -11.11 -7.77 2.44
C CYS C 143 -11.63 -8.02 1.04
N LEU C 144 -12.27 -7.02 0.46
CA LEU C 144 -12.62 -7.08 -0.95
C LEU C 144 -11.47 -6.48 -1.73
N VAL C 145 -10.82 -7.29 -2.56
CA VAL C 145 -9.68 -6.90 -3.36
C VAL C 145 -10.20 -6.79 -4.78
N LYS C 146 -10.53 -5.58 -5.23
CA LYS C 146 -11.25 -5.44 -6.48
C LYS C 146 -10.42 -4.77 -7.57
N ASP C 147 -10.65 -5.23 -8.80
CA ASP C 147 -10.25 -4.58 -10.05
C ASP C 147 -8.74 -4.52 -10.24
N TYR C 148 -8.09 -5.68 -10.21
CA TYR C 148 -6.66 -5.74 -10.46
C TYR C 148 -6.37 -6.55 -11.72
N PHE C 149 -5.15 -6.37 -12.25
CA PHE C 149 -4.73 -7.16 -13.40
C PHE C 149 -3.22 -7.08 -13.54
N PRO C 150 -2.53 -8.19 -13.88
CA PRO C 150 -3.12 -9.50 -14.08
C PRO C 150 -3.12 -10.29 -12.77
N GLU C 151 -3.31 -11.59 -12.87
CA GLU C 151 -3.16 -12.45 -11.72
C GLU C 151 -1.69 -12.73 -11.42
N PRO C 152 -1.33 -12.98 -10.15
CA PRO C 152 -2.13 -13.09 -8.93
C PRO C 152 -1.90 -12.00 -7.88
N VAL C 153 -2.73 -12.03 -6.83
CA VAL C 153 -2.54 -11.24 -5.61
C VAL C 153 -2.42 -12.20 -4.44
N THR C 154 -1.68 -11.80 -3.41
CA THR C 154 -1.55 -12.57 -2.19
C THR C 154 -1.97 -11.72 -1.00
N VAL C 155 -2.94 -12.21 -0.25
CA VAL C 155 -3.49 -11.53 0.90
C VAL C 155 -2.99 -12.24 2.13
N SER C 156 -2.35 -11.51 3.03
CA SER C 156 -2.07 -11.98 4.38
C SER C 156 -2.90 -11.15 5.38
N TRP C 157 -2.90 -11.58 6.63
CA TRP C 157 -3.66 -10.92 7.69
C TRP C 157 -2.71 -10.63 8.84
N ASN C 158 -2.62 -9.36 9.22
CA ASN C 158 -1.80 -8.95 10.36
C ASN C 158 -0.34 -9.40 10.21
N SER C 159 0.18 -9.23 9.00
CA SER C 159 1.58 -9.49 8.62
C SER C 159 1.98 -10.95 8.79
N GLY C 160 1.01 -11.85 8.94
CA GLY C 160 1.30 -13.25 9.17
C GLY C 160 0.95 -13.76 10.55
N ALA C 161 0.45 -12.90 11.44
CA ALA C 161 0.05 -13.33 12.78
C ALA C 161 -1.28 -14.08 12.79
N LEU C 162 -2.15 -13.80 11.81
CA LEU C 162 -3.48 -14.38 11.75
C LEU C 162 -3.55 -15.29 10.53
N THR C 163 -3.71 -16.60 10.77
CA THR C 163 -3.80 -17.57 9.68
C THR C 163 -4.98 -18.51 9.86
N SER C 164 -5.42 -18.69 11.11
CA SER C 164 -6.54 -19.59 11.40
C SER C 164 -7.87 -18.88 11.13
N GLY C 165 -8.69 -19.50 10.30
CA GLY C 165 -9.93 -18.91 9.84
C GLY C 165 -9.84 -18.23 8.50
N VAL C 166 -8.63 -18.07 7.96
CA VAL C 166 -8.43 -17.34 6.71
C VAL C 166 -8.90 -18.18 5.54
N HIS C 167 -9.74 -17.59 4.70
CA HIS C 167 -10.07 -18.12 3.39
C HIS C 167 -9.88 -17.01 2.35
N THR C 168 -8.95 -17.22 1.43
CA THR C 168 -8.71 -16.32 0.32
C THR C 168 -9.24 -17.01 -0.93
N PHE C 169 -10.38 -16.53 -1.42
CA PHE C 169 -11.08 -17.23 -2.49
C PHE C 169 -10.37 -17.07 -3.83
N PRO C 170 -10.40 -18.10 -4.67
CA PRO C 170 -9.89 -17.96 -6.05
C PRO C 170 -10.53 -16.77 -6.76
N ALA C 171 -9.72 -16.04 -7.52
CA ALA C 171 -10.19 -14.83 -8.18
C ALA C 171 -11.18 -15.13 -9.31
N VAL C 172 -12.03 -14.15 -9.58
CA VAL C 172 -12.98 -14.22 -10.69
C VAL C 172 -12.60 -13.10 -11.64
N LEU C 173 -12.79 -13.36 -12.91
CA LEU C 173 -12.55 -12.38 -13.94
C LEU C 173 -13.88 -11.72 -14.25
N GLN C 174 -13.96 -10.42 -13.99
CA GLN C 174 -15.18 -9.65 -14.18
C GLN C 174 -15.38 -9.30 -15.65
N SER C 175 -16.58 -8.80 -15.96
CA SER C 175 -16.92 -8.44 -17.34
C SER C 175 -16.04 -7.32 -17.88
N SER C 176 -15.42 -6.52 -17.01
CA SER C 176 -14.45 -5.53 -17.45
C SER C 176 -13.08 -6.13 -17.79
N GLY C 177 -12.84 -7.39 -17.42
CA GLY C 177 -11.55 -8.00 -17.65
C GLY C 177 -10.56 -7.79 -16.53
N LEU C 178 -10.97 -7.14 -15.45
CA LEU C 178 -10.16 -7.04 -14.25
C LEU C 178 -10.52 -8.17 -13.28
N TYR C 179 -9.54 -8.57 -12.47
CA TYR C 179 -9.84 -9.62 -11.50
C TYR C 179 -10.37 -9.04 -10.19
N SER C 180 -11.09 -9.89 -9.46
CA SER C 180 -11.59 -9.57 -8.13
C SER C 180 -11.50 -10.82 -7.27
N LEU C 181 -11.25 -10.63 -5.97
CA LEU C 181 -11.38 -11.71 -4.99
C LEU C 181 -11.59 -11.12 -3.59
N SER C 182 -11.86 -12.01 -2.63
CA SER C 182 -12.10 -11.70 -1.23
C SER C 182 -11.31 -12.62 -0.34
N SER C 183 -10.74 -12.07 0.72
CA SER C 183 -10.17 -12.85 1.82
C SER C 183 -11.08 -12.68 3.03
N VAL C 184 -11.51 -13.81 3.61
CA VAL C 184 -12.34 -13.79 4.81
C VAL C 184 -11.60 -14.51 5.93
N VAL C 185 -11.91 -14.12 7.16
CA VAL C 185 -11.28 -14.74 8.32
C VAL C 185 -12.27 -14.67 9.48
N THR C 186 -12.48 -15.81 10.13
CA THR C 186 -13.36 -15.91 11.29
C THR C 186 -12.57 -15.69 12.58
N VAL C 187 -13.08 -14.83 13.45
CA VAL C 187 -12.40 -14.47 14.70
C VAL C 187 -13.43 -14.35 15.82
N PRO C 188 -13.01 -14.64 17.05
CA PRO C 188 -13.92 -14.47 18.20
C PRO C 188 -14.43 -13.05 18.31
N SER C 189 -15.74 -12.90 18.49
CA SER C 189 -16.37 -11.58 18.42
C SER C 189 -16.02 -10.70 19.61
N SER C 190 -15.60 -11.27 20.73
CA SER C 190 -15.07 -10.45 21.82
C SER C 190 -13.88 -9.63 21.35
N SER C 191 -13.03 -10.22 20.50
CA SER C 191 -11.77 -9.62 20.10
C SER C 191 -11.94 -8.39 19.21
N LEU C 192 -13.12 -8.16 18.63
CA LEU C 192 -13.29 -7.01 17.74
C LEU C 192 -13.19 -5.68 18.49
N GLY C 193 -13.57 -5.64 19.76
CA GLY C 193 -13.44 -4.44 20.55
C GLY C 193 -12.08 -4.18 21.15
N THR C 194 -11.13 -5.09 20.94
CA THR C 194 -9.74 -4.88 21.36
C THR C 194 -8.73 -5.01 20.22
N GLN C 195 -8.83 -6.06 19.40
CA GLN C 195 -7.77 -6.46 18.46
C GLN C 195 -7.96 -5.80 17.10
N THR C 196 -6.85 -5.42 16.47
CA THR C 196 -6.85 -4.75 15.18
C THR C 196 -6.57 -5.77 14.08
N TYR C 197 -7.36 -5.69 13.01
CA TYR C 197 -7.31 -6.63 11.91
C TYR C 197 -6.99 -5.88 10.63
N ILE C 198 -5.86 -6.24 10.02
CA ILE C 198 -5.37 -5.57 8.83
C ILE C 198 -4.99 -6.65 7.82
N CYS C 199 -5.54 -6.57 6.63
CA CYS C 199 -5.13 -7.46 5.56
C CYS C 199 -4.08 -6.76 4.70
N ASN C 200 -3.09 -7.53 4.30
CA ASN C 200 -1.95 -7.05 3.54
C ASN C 200 -2.07 -7.69 2.17
N VAL C 201 -2.49 -6.89 1.21
CA VAL C 201 -2.56 -7.31 -0.18
C VAL C 201 -1.26 -6.97 -0.85
N ASN C 202 -0.74 -7.89 -1.65
CA ASN C 202 0.48 -7.67 -2.42
C ASN C 202 0.18 -8.10 -3.84
N HIS C 203 0.28 -7.16 -4.78
CA HIS C 203 0.11 -7.42 -6.21
C HIS C 203 1.43 -7.09 -6.90
N LYS C 204 2.30 -8.11 -7.08
CA LYS C 204 3.66 -7.96 -7.57
C LYS C 204 3.74 -7.46 -9.02
N PRO C 205 2.86 -7.89 -9.93
CA PRO C 205 2.99 -7.41 -11.32
C PRO C 205 2.67 -5.94 -11.50
N SER C 206 2.12 -5.27 -10.48
CA SER C 206 2.01 -3.82 -10.49
C SER C 206 2.79 -3.20 -9.35
N ASN C 207 3.64 -3.97 -8.67
CA ASN C 207 4.50 -3.50 -7.58
C ASN C 207 3.74 -2.73 -6.53
N THR C 208 2.49 -3.12 -6.30
CA THR C 208 1.58 -2.46 -5.36
C THR C 208 1.45 -3.33 -4.12
N LYS C 209 1.55 -2.72 -2.95
CA LYS C 209 1.20 -3.37 -1.69
C LYS C 209 0.21 -2.49 -0.98
N VAL C 210 -0.94 -3.06 -0.59
CA VAL C 210 -1.94 -2.33 0.17
C VAL C 210 -2.12 -2.98 1.52
N ASP C 211 -2.37 -2.17 2.54
CA ASP C 211 -2.64 -2.60 3.91
C ASP C 211 -3.94 -1.91 4.32
N LYS C 212 -5.04 -2.65 4.40
CA LYS C 212 -6.33 -2.10 4.83
C LYS C 212 -6.68 -2.62 6.20
N LYS C 213 -6.97 -1.70 7.13
CA LYS C 213 -7.37 -2.01 8.48
C LYS C 213 -8.90 -2.12 8.53
N VAL C 214 -9.41 -3.28 8.92
CA VAL C 214 -10.85 -3.54 8.90
C VAL C 214 -11.38 -3.46 10.32
N GLU C 215 -12.28 -2.52 10.56
CA GLU C 215 -12.91 -2.25 11.85
C GLU C 215 -14.43 -2.23 11.70
N PRO C 216 -15.16 -2.56 12.77
CA PRO C 216 -16.63 -2.65 12.66
C PRO C 216 -17.31 -1.31 12.38
N LYS C 217 -18.57 -1.42 11.94
CA LYS C 217 -19.36 -0.28 11.47
C LYS C 217 -19.68 0.69 12.60
N SER C 218 -19.94 1.94 12.23
CA SER C 218 -20.32 2.99 13.20
C SER C 218 -21.45 3.84 12.62
N ASP D 1 2.05 -37.75 -31.11
CA ASP D 1 2.32 -37.73 -29.68
C ASP D 1 1.47 -38.79 -28.99
N ILE D 2 2.03 -39.42 -27.97
CA ILE D 2 1.27 -40.38 -27.20
C ILE D 2 0.18 -39.64 -26.44
N VAL D 3 -1.04 -40.16 -26.48
CA VAL D 3 -2.17 -39.52 -25.83
C VAL D 3 -2.54 -40.35 -24.62
N MET D 4 -2.51 -39.72 -23.46
CA MET D 4 -2.84 -40.37 -22.19
C MET D 4 -4.23 -39.93 -21.78
N THR D 5 -5.12 -40.89 -21.61
CA THR D 5 -6.53 -40.65 -21.30
C THR D 5 -6.83 -41.22 -19.93
N GLN D 6 -7.24 -40.38 -19.00
CA GLN D 6 -7.55 -40.83 -17.65
C GLN D 6 -9.05 -41.03 -17.48
N SER D 7 -9.39 -41.98 -16.61
CA SER D 7 -10.77 -42.34 -16.28
C SER D 7 -10.76 -42.78 -14.83
N PRO D 8 -11.63 -42.22 -14.00
CA PRO D 8 -12.60 -41.19 -14.34
C PRO D 8 -12.00 -39.78 -14.41
N ASP D 9 -12.81 -38.79 -14.78
CA ASP D 9 -12.36 -37.41 -14.77
C ASP D 9 -12.44 -36.82 -13.37
N SER D 10 -13.51 -37.12 -12.65
CA SER D 10 -13.67 -36.70 -11.28
C SER D 10 -14.10 -37.91 -10.47
N LEU D 11 -13.86 -37.85 -9.15
CA LEU D 11 -13.99 -39.04 -8.32
C LEU D 11 -14.15 -38.64 -6.86
N ALA D 12 -15.19 -39.16 -6.22
CA ALA D 12 -15.41 -38.95 -4.81
C ALA D 12 -15.39 -40.31 -4.12
N VAL D 13 -14.68 -40.36 -3.00
CA VAL D 13 -14.45 -41.57 -2.22
C VAL D 13 -14.50 -41.14 -0.75
N SER D 14 -14.91 -42.06 0.12
CA SER D 14 -14.97 -41.74 1.53
C SER D 14 -13.67 -42.11 2.24
N LEU D 15 -13.45 -41.47 3.40
CA LEU D 15 -12.24 -41.75 4.16
C LEU D 15 -12.14 -43.21 4.57
N GLY D 16 -10.99 -43.81 4.28
CA GLY D 16 -10.73 -45.18 4.55
C GLY D 16 -10.91 -46.06 3.34
N GLU D 17 -11.84 -45.73 2.46
CA GLU D 17 -12.05 -46.53 1.25
C GLU D 17 -10.89 -46.34 0.27
N ARG D 18 -10.90 -47.12 -0.79
CA ARG D 18 -9.84 -47.11 -1.79
C ARG D 18 -10.29 -46.37 -3.02
N ALA D 19 -9.38 -45.57 -3.59
CA ALA D 19 -9.60 -44.88 -4.85
C ALA D 19 -8.85 -45.59 -5.98
N THR D 20 -9.47 -45.59 -7.16
CA THR D 20 -8.92 -46.26 -8.33
C THR D 20 -8.98 -45.30 -9.53
N ILE D 21 -7.81 -44.93 -10.05
CA ILE D 21 -7.70 -44.04 -11.19
C ILE D 21 -7.01 -44.79 -12.33
N ASN D 22 -7.71 -44.96 -13.44
CA ASN D 22 -7.14 -45.64 -14.60
C ASN D 22 -6.48 -44.64 -15.56
N CYS D 23 -5.76 -45.17 -16.54
CA CYS D 23 -5.03 -44.34 -17.50
C CYS D 23 -4.69 -45.18 -18.71
N LYS D 24 -5.13 -44.76 -19.89
CA LYS D 24 -4.86 -45.46 -21.15
C LYS D 24 -3.91 -44.63 -21.98
N SER D 25 -3.07 -45.29 -22.77
CA SER D 25 -2.09 -44.63 -23.62
C SER D 25 -2.29 -45.04 -25.08
N SER D 26 -1.94 -44.13 -25.98
CA SER D 26 -2.19 -44.39 -27.39
C SER D 26 -1.19 -45.36 -27.98
N GLN D 27 -0.06 -45.60 -27.31
CA GLN D 27 0.96 -46.55 -27.73
C GLN D 27 1.48 -47.32 -26.53
N SER D 28 2.25 -48.36 -26.81
CA SER D 28 2.87 -49.11 -25.73
C SER D 28 3.97 -48.29 -25.10
N LEU D 29 4.01 -48.31 -23.77
CA LEU D 29 5.04 -47.59 -23.04
C LEU D 29 6.16 -48.50 -22.56
N LEU D 30 6.33 -49.67 -23.18
CA LEU D 30 7.23 -50.70 -22.66
C LEU D 30 8.56 -50.65 -23.39
N ASN D 31 9.62 -50.43 -22.60
CA ASN D 31 10.99 -50.58 -23.07
C ASN D 31 11.34 -52.05 -23.16
N ARG D 32 11.68 -52.55 -24.36
CA ARG D 32 12.08 -53.94 -24.49
C ARG D 32 13.44 -54.20 -23.84
N GLY D 33 14.33 -53.21 -23.91
CA GLY D 33 15.69 -53.42 -23.44
C GLY D 33 15.78 -53.74 -21.97
N ASN D 34 14.79 -53.32 -21.18
CA ASN D 34 14.83 -53.61 -19.75
C ASN D 34 13.46 -53.91 -19.16
N GLN D 35 12.47 -54.19 -20.00
CA GLN D 35 11.14 -54.63 -19.56
C GLN D 35 10.45 -53.59 -18.65
N LYS D 36 10.90 -52.34 -18.65
CA LYS D 36 10.21 -51.32 -17.86
C LYS D 36 9.13 -50.58 -18.67
N ASN D 37 7.99 -50.37 -18.03
CA ASN D 37 6.91 -49.61 -18.61
C ASN D 37 7.03 -48.18 -18.12
N TYR D 38 7.25 -47.26 -19.04
CA TYR D 38 7.65 -45.91 -18.63
C TYR D 38 6.40 -45.04 -18.38
N LEU D 39 5.72 -45.33 -17.26
CA LEU D 39 4.49 -44.65 -16.87
C LEU D 39 4.64 -44.03 -15.48
N THR D 40 4.47 -42.72 -15.38
CA THR D 40 4.70 -41.98 -14.14
C THR D 40 3.43 -41.30 -13.64
N TRP D 41 3.20 -41.35 -12.33
CA TRP D 41 2.02 -40.79 -11.69
C TRP D 41 2.39 -39.63 -10.79
N PHE D 42 1.55 -38.61 -10.75
CA PHE D 42 1.82 -37.39 -10.01
C PHE D 42 0.61 -36.99 -9.19
N GLN D 43 0.89 -36.31 -8.08
CA GLN D 43 -0.11 -35.69 -7.23
C GLN D 43 0.08 -34.18 -7.25
N GLN D 44 -0.94 -33.44 -7.67
CA GLN D 44 -0.93 -31.99 -7.58
C GLN D 44 -2.06 -31.49 -6.65
N LYS D 45 -1.67 -30.99 -5.48
CA LYS D 45 -2.54 -30.30 -4.55
C LYS D 45 -2.58 -28.81 -4.91
N PRO D 46 -3.67 -28.12 -4.58
CA PRO D 46 -3.85 -26.75 -5.08
C PRO D 46 -2.69 -25.84 -4.72
N GLY D 47 -2.37 -24.94 -5.67
CA GLY D 47 -1.34 -23.94 -5.47
C GLY D 47 0.08 -24.45 -5.35
N GLN D 48 0.37 -25.64 -5.87
CA GLN D 48 1.64 -26.32 -5.64
C GLN D 48 2.04 -27.10 -6.89
N PRO D 49 3.33 -27.37 -7.07
CA PRO D 49 3.78 -28.13 -8.25
C PRO D 49 3.47 -29.61 -8.10
N PRO D 50 3.41 -30.34 -9.20
CA PRO D 50 3.09 -31.78 -9.13
C PRO D 50 4.15 -32.50 -8.32
N LYS D 51 3.72 -33.46 -7.50
CA LYS D 51 4.68 -34.24 -6.71
C LYS D 51 4.71 -35.67 -7.23
N LEU D 52 5.91 -36.21 -7.35
CA LEU D 52 6.09 -37.53 -7.94
C LEU D 52 5.62 -38.61 -6.97
N LEU D 53 4.82 -39.57 -7.48
CA LEU D 53 4.35 -40.69 -6.68
C LEU D 53 4.92 -42.03 -7.11
N ILE D 54 4.89 -42.36 -8.41
CA ILE D 54 5.31 -43.68 -8.88
C ILE D 54 5.99 -43.53 -10.24
N TYR D 55 7.13 -44.18 -10.43
CA TYR D 55 7.68 -44.30 -11.76
C TYR D 55 7.76 -45.76 -12.17
N TRP D 56 8.13 -46.00 -13.43
CA TRP D 56 8.19 -47.35 -14.01
C TRP D 56 6.91 -48.12 -13.73
N ALA D 57 5.80 -47.39 -13.69
CA ALA D 57 4.42 -47.83 -13.54
C ALA D 57 4.12 -48.35 -12.15
N SER D 58 5.13 -48.84 -11.42
CA SER D 58 4.86 -49.44 -10.12
C SER D 58 5.87 -49.14 -9.02
N THR D 59 7.02 -48.54 -9.32
CA THR D 59 8.02 -48.28 -8.30
C THR D 59 7.67 -47.00 -7.56
N ARG D 60 7.16 -47.15 -6.34
CA ARG D 60 6.77 -46.05 -5.48
C ARG D 60 7.99 -45.23 -5.10
N GLU D 61 7.95 -43.93 -5.36
CA GLU D 61 9.09 -43.08 -4.99
C GLU D 61 9.27 -43.08 -3.48
N SER D 62 10.52 -42.95 -3.05
CA SER D 62 10.80 -42.80 -1.64
C SER D 62 10.06 -41.60 -1.10
N GLY D 63 9.43 -41.76 0.06
CA GLY D 63 8.69 -40.71 0.69
C GLY D 63 7.21 -40.77 0.45
N VAL D 64 6.77 -41.60 -0.49
CA VAL D 64 5.36 -41.73 -0.84
C VAL D 64 4.78 -42.85 0.02
N PRO D 65 3.73 -42.56 0.82
CA PRO D 65 3.16 -43.58 1.72
C PRO D 65 2.82 -44.88 1.02
N ASP D 66 2.76 -45.99 1.78
CA ASP D 66 2.54 -47.31 1.21
C ASP D 66 1.16 -47.44 0.57
N ARG D 67 0.23 -46.54 0.89
CA ARG D 67 -1.15 -46.61 0.41
C ARG D 67 -1.29 -46.29 -1.08
N PHE D 68 -0.40 -45.44 -1.61
CA PHE D 68 -0.36 -45.18 -3.04
C PHE D 68 0.33 -46.33 -3.77
N SER D 69 -0.31 -46.84 -4.82
CA SER D 69 0.25 -47.96 -5.56
C SER D 69 -0.25 -47.94 -7.00
N GLY D 70 0.67 -48.16 -7.94
CA GLY D 70 0.34 -48.18 -9.36
C GLY D 70 0.68 -49.51 -10.01
N SER D 71 -0.21 -49.99 -10.86
CA SER D 71 -0.07 -51.24 -11.59
C SER D 71 -0.35 -51.00 -13.07
N GLY D 72 -0.32 -52.08 -13.83
CA GLY D 72 -0.62 -52.07 -15.24
C GLY D 72 0.58 -52.41 -16.10
N SER D 73 0.32 -52.63 -17.39
CA SER D 73 1.37 -52.98 -18.32
C SER D 73 0.91 -52.62 -19.71
N GLY D 74 1.86 -52.50 -20.64
CA GLY D 74 1.48 -52.20 -22.00
C GLY D 74 0.90 -50.81 -22.18
N THR D 75 -0.44 -50.74 -22.31
CA THR D 75 -1.16 -49.48 -22.50
C THR D 75 -2.23 -49.18 -21.47
N ASP D 76 -2.44 -50.04 -20.46
CA ASP D 76 -3.50 -49.81 -19.47
C ASP D 76 -2.90 -49.86 -18.09
N PHE D 77 -2.95 -48.73 -17.37
CA PHE D 77 -2.31 -48.58 -16.08
C PHE D 77 -3.32 -48.06 -15.07
N THR D 78 -3.15 -48.40 -13.81
CA THR D 78 -4.06 -47.95 -12.77
C THR D 78 -3.27 -47.42 -11.60
N LEU D 79 -3.86 -46.46 -10.88
CA LEU D 79 -3.29 -45.92 -9.66
C LEU D 79 -4.31 -46.09 -8.55
N THR D 80 -3.90 -46.78 -7.51
CA THR D 80 -4.73 -47.11 -6.38
C THR D 80 -4.24 -46.30 -5.20
N ILE D 81 -5.13 -45.57 -4.55
CA ILE D 81 -4.84 -44.94 -3.27
C ILE D 81 -5.69 -45.68 -2.27
N SER D 82 -5.13 -46.72 -1.66
N SER D 82 -5.12 -46.71 -1.66
CA SER D 82 -5.90 -47.47 -0.69
CA SER D 82 -5.88 -47.48 -0.69
C SER D 82 -5.92 -46.71 0.63
C SER D 82 -5.90 -46.72 0.63
N SER D 83 -6.95 -46.98 1.42
CA SER D 83 -7.08 -46.41 2.74
C SER D 83 -6.98 -44.88 2.72
N LEU D 84 -7.97 -44.21 2.10
CA LEU D 84 -7.87 -42.77 1.86
C LEU D 84 -7.89 -41.93 3.13
N GLN D 85 -7.22 -40.78 3.04
CA GLN D 85 -7.23 -39.77 4.08
C GLN D 85 -7.59 -38.42 3.48
N ALA D 86 -7.82 -37.45 4.36
CA ALA D 86 -8.39 -36.18 3.95
C ALA D 86 -7.41 -35.33 3.14
N GLU D 87 -6.11 -35.47 3.39
CA GLU D 87 -5.09 -34.71 2.71
C GLU D 87 -4.78 -35.26 1.33
N ASP D 88 -5.33 -36.42 0.98
CA ASP D 88 -5.15 -36.96 -0.35
C ASP D 88 -5.96 -36.23 -1.40
N VAL D 89 -6.69 -35.19 -1.00
CA VAL D 89 -7.47 -34.37 -1.93
C VAL D 89 -6.52 -33.59 -2.84
N ALA D 90 -6.59 -33.88 -4.13
CA ALA D 90 -5.70 -33.32 -5.15
C ALA D 90 -6.08 -33.82 -6.55
N VAL D 91 -5.31 -33.42 -7.56
CA VAL D 91 -5.55 -33.80 -8.94
C VAL D 91 -4.47 -34.79 -9.34
N TYR D 92 -4.85 -35.93 -9.93
CA TYR D 92 -3.91 -37.01 -10.20
C TYR D 92 -3.66 -37.13 -11.69
N TYR D 93 -2.39 -37.14 -12.09
CA TYR D 93 -1.98 -37.20 -13.49
C TYR D 93 -1.15 -38.43 -13.77
N CYS D 94 -1.38 -39.07 -14.91
CA CYS D 94 -0.43 -40.05 -15.42
C CYS D 94 0.40 -39.41 -16.53
N GLN D 95 1.66 -39.81 -16.64
CA GLN D 95 2.56 -39.23 -17.63
C GLN D 95 3.27 -40.30 -18.42
N ASN D 96 3.41 -40.08 -19.73
CA ASN D 96 4.24 -40.95 -20.57
C ASN D 96 5.66 -40.48 -20.42
N ASP D 97 6.51 -41.34 -19.88
CA ASP D 97 7.91 -41.02 -19.70
C ASP D 97 8.77 -41.85 -20.63
N TYR D 98 8.15 -42.31 -21.72
CA TYR D 98 8.74 -43.22 -22.69
C TYR D 98 9.46 -42.47 -23.83
N THR D 99 8.87 -41.40 -24.36
CA THR D 99 9.54 -40.68 -25.44
C THR D 99 9.13 -39.20 -25.46
N TYR D 100 9.93 -38.41 -26.17
CA TYR D 100 9.64 -37.00 -26.36
C TYR D 100 8.68 -36.85 -27.53
N PRO D 101 7.61 -36.08 -27.40
CA PRO D 101 7.30 -35.23 -26.24
C PRO D 101 6.71 -35.97 -25.03
N LEU D 102 7.09 -35.56 -23.82
CA LEU D 102 6.55 -36.17 -22.62
C LEU D 102 5.15 -35.64 -22.39
N THR D 103 4.15 -36.49 -22.56
CA THR D 103 2.76 -36.06 -22.56
C THR D 103 2.07 -36.52 -21.27
N PHE D 104 1.12 -35.72 -20.80
CA PHE D 104 0.41 -36.00 -19.57
C PHE D 104 -1.05 -36.32 -19.87
N GLY D 105 -1.67 -37.06 -18.97
CA GLY D 105 -3.09 -37.27 -19.05
C GLY D 105 -3.79 -36.05 -18.55
N GLN D 106 -5.08 -35.97 -18.82
CA GLN D 106 -5.81 -34.72 -18.61
C GLN D 106 -6.10 -34.43 -17.14
N GLY D 107 -5.88 -35.38 -16.24
CA GLY D 107 -6.06 -35.15 -14.82
C GLY D 107 -7.35 -35.74 -14.29
N THR D 108 -7.31 -36.18 -13.02
CA THR D 108 -8.47 -36.72 -12.31
C THR D 108 -8.55 -36.03 -10.97
N LYS D 109 -9.59 -35.23 -10.74
CA LYS D 109 -9.75 -34.57 -9.46
C LYS D 109 -10.31 -35.58 -8.46
N LEU D 110 -9.71 -35.63 -7.27
CA LEU D 110 -10.16 -36.51 -6.20
C LEU D 110 -10.89 -35.70 -5.14
N GLU D 111 -12.07 -36.18 -4.74
CA GLU D 111 -12.92 -35.53 -3.76
C GLU D 111 -13.13 -36.49 -2.60
N ILE D 112 -13.27 -35.96 -1.40
CA ILE D 112 -13.48 -36.81 -0.22
C ILE D 112 -14.95 -36.70 0.17
N LYS D 113 -15.66 -37.83 0.12
CA LYS D 113 -17.01 -37.91 0.67
C LYS D 113 -16.95 -37.82 2.17
N ARG D 114 -17.81 -36.99 2.76
CA ARG D 114 -17.86 -36.91 4.21
C ARG D 114 -19.28 -36.56 4.64
N THR D 115 -19.50 -36.53 5.95
CA THR D 115 -20.82 -36.24 6.50
C THR D 115 -21.25 -34.84 6.10
N VAL D 116 -22.50 -34.73 5.66
CA VAL D 116 -23.07 -33.46 5.24
C VAL D 116 -22.88 -32.41 6.32
N ALA D 117 -22.34 -31.26 5.93
CA ALA D 117 -22.15 -30.12 6.81
C ALA D 117 -22.78 -28.91 6.13
N ALA D 118 -23.56 -28.16 6.90
CA ALA D 118 -24.32 -27.04 6.37
C ALA D 118 -23.55 -25.73 6.53
N PRO D 119 -23.63 -24.87 5.52
CA PRO D 119 -22.90 -23.61 5.56
C PRO D 119 -23.33 -22.74 6.73
N SER D 120 -22.37 -21.93 7.19
CA SER D 120 -22.64 -20.80 8.07
C SER D 120 -22.65 -19.57 7.17
N VAL D 121 -23.74 -18.81 7.19
CA VAL D 121 -23.97 -17.77 6.21
C VAL D 121 -23.74 -16.41 6.84
N PHE D 122 -22.98 -15.57 6.14
CA PHE D 122 -22.73 -14.20 6.56
C PHE D 122 -22.86 -13.28 5.35
N ILE D 123 -23.35 -12.07 5.58
CA ILE D 123 -23.51 -11.10 4.51
C ILE D 123 -22.78 -9.82 4.89
N PHE D 124 -22.31 -9.08 3.88
CA PHE D 124 -21.53 -7.85 4.05
C PHE D 124 -22.06 -6.76 3.14
N PRO D 125 -22.25 -5.54 3.64
CA PRO D 125 -22.65 -4.41 2.78
C PRO D 125 -21.44 -3.75 2.12
N PRO D 126 -21.67 -3.00 1.05
CA PRO D 126 -20.55 -2.27 0.44
C PRO D 126 -20.06 -1.18 1.35
N SER D 127 -18.75 -0.95 1.33
CA SER D 127 -18.18 0.15 2.08
C SER D 127 -18.61 1.49 1.48
N ASP D 128 -18.54 2.54 2.30
CA ASP D 128 -18.82 3.89 1.82
C ASP D 128 -17.78 4.32 0.80
N GLU D 129 -16.55 3.82 0.94
CA GLU D 129 -15.49 4.16 0.02
C GLU D 129 -15.80 3.64 -1.37
N GLN D 130 -16.23 2.38 -1.46
CA GLN D 130 -16.56 1.82 -2.76
C GLN D 130 -17.73 2.55 -3.39
N LEU D 131 -18.79 2.77 -2.61
CA LEU D 131 -19.95 3.51 -3.08
C LEU D 131 -19.58 4.87 -3.66
N LYS D 132 -18.56 5.52 -3.09
CA LYS D 132 -18.10 6.81 -3.59
C LYS D 132 -17.65 6.72 -5.03
N SER D 133 -17.01 5.62 -5.40
CA SER D 133 -16.48 5.46 -6.74
C SER D 133 -17.51 4.91 -7.73
N GLY D 134 -18.77 4.76 -7.32
CA GLY D 134 -19.87 4.52 -8.23
C GLY D 134 -20.37 3.08 -8.37
N THR D 135 -19.79 2.13 -7.64
CA THR D 135 -20.21 0.74 -7.73
C THR D 135 -20.33 0.14 -6.33
N ALA D 136 -21.34 -0.71 -6.13
CA ALA D 136 -21.55 -1.34 -4.83
C ALA D 136 -21.42 -2.85 -4.94
N SER D 137 -20.49 -3.42 -4.19
CA SER D 137 -20.29 -4.86 -4.13
C SER D 137 -20.84 -5.36 -2.81
N VAL D 138 -21.77 -6.31 -2.89
CA VAL D 138 -22.41 -6.93 -1.73
C VAL D 138 -21.92 -8.38 -1.69
N VAL D 139 -21.50 -8.84 -0.52
CA VAL D 139 -20.77 -10.10 -0.44
C VAL D 139 -21.47 -11.03 0.54
N CYS D 140 -21.87 -12.20 0.05
CA CYS D 140 -22.45 -13.27 0.84
C CYS D 140 -21.44 -14.42 0.97
N LEU D 141 -21.12 -14.82 2.20
CA LEU D 141 -20.12 -15.85 2.44
C LEU D 141 -20.75 -17.11 3.02
N LEU D 142 -20.30 -18.28 2.55
CA LEU D 142 -20.84 -19.59 2.93
C LEU D 142 -19.74 -20.44 3.54
N ASN D 143 -19.62 -20.47 4.87
CA ASN D 143 -18.44 -21.05 5.49
C ASN D 143 -18.61 -22.53 5.78
N ASN D 144 -17.58 -23.32 5.40
CA ASN D 144 -17.28 -24.64 5.95
C ASN D 144 -18.46 -25.60 5.78
N PHE D 145 -18.66 -26.04 4.54
CA PHE D 145 -19.81 -26.88 4.24
C PHE D 145 -19.42 -28.01 3.29
N TYR D 146 -20.22 -29.07 3.32
CA TYR D 146 -20.07 -30.23 2.46
C TYR D 146 -21.47 -30.78 2.22
N PRO D 147 -21.86 -31.09 0.98
CA PRO D 147 -21.16 -31.05 -0.31
C PRO D 147 -20.97 -29.64 -0.93
N ARG D 148 -20.35 -29.61 -2.11
CA ARG D 148 -20.01 -28.37 -2.80
C ARG D 148 -21.23 -27.73 -3.46
N GLU D 149 -22.20 -28.54 -3.86
CA GLU D 149 -23.43 -28.05 -4.45
C GLU D 149 -24.21 -27.22 -3.44
N ALA D 150 -24.27 -25.93 -3.71
CA ALA D 150 -25.04 -24.94 -3.00
C ALA D 150 -25.57 -23.97 -4.04
N LYS D 151 -26.83 -23.61 -3.93
CA LYS D 151 -27.39 -22.58 -4.78
C LYS D 151 -27.53 -21.34 -3.93
N VAL D 152 -26.95 -20.22 -4.38
CA VAL D 152 -26.93 -18.97 -3.64
C VAL D 152 -27.52 -17.89 -4.56
N GLN D 153 -28.67 -17.34 -4.19
CA GLN D 153 -29.33 -16.32 -4.99
C GLN D 153 -29.44 -15.01 -4.22
N TRP D 154 -30.05 -13.99 -4.82
CA TRP D 154 -30.07 -12.64 -4.27
C TRP D 154 -31.42 -11.97 -4.51
N LYS D 155 -32.11 -11.58 -3.44
CA LYS D 155 -33.25 -10.69 -3.55
C LYS D 155 -32.81 -9.28 -3.19
N VAL D 156 -33.24 -8.30 -3.99
CA VAL D 156 -33.05 -6.90 -3.67
C VAL D 156 -34.44 -6.31 -3.58
N ASP D 157 -34.89 -6.03 -2.34
CA ASP D 157 -36.25 -5.58 -2.07
C ASP D 157 -37.26 -6.57 -2.63
N ASN D 158 -37.01 -7.85 -2.33
CA ASN D 158 -37.79 -9.02 -2.73
C ASN D 158 -37.78 -9.25 -4.24
N ALA D 159 -37.02 -8.46 -5.01
CA ALA D 159 -36.83 -8.70 -6.43
C ALA D 159 -35.64 -9.61 -6.65
N LEU D 160 -35.86 -10.75 -7.32
CA LEU D 160 -34.79 -11.71 -7.58
C LEU D 160 -33.82 -11.18 -8.65
N GLN D 161 -32.52 -11.33 -8.40
CA GLN D 161 -31.48 -10.80 -9.26
C GLN D 161 -30.97 -11.85 -10.24
N SER D 162 -30.54 -11.39 -11.41
CA SER D 162 -29.93 -12.27 -12.40
C SER D 162 -28.91 -11.49 -13.22
N GLY D 163 -27.76 -12.11 -13.46
CA GLY D 163 -26.71 -11.54 -14.30
C GLY D 163 -25.68 -10.69 -13.59
N ASN D 164 -25.85 -10.42 -12.30
CA ASN D 164 -25.04 -9.42 -11.62
C ASN D 164 -24.36 -9.99 -10.38
N SER D 165 -24.18 -11.31 -10.33
CA SER D 165 -23.51 -11.96 -9.21
C SER D 165 -22.50 -12.98 -9.72
N GLN D 166 -21.42 -13.19 -8.95
CA GLN D 166 -20.39 -14.18 -9.28
C GLN D 166 -19.94 -14.90 -8.02
N GLU D 167 -19.82 -16.23 -8.10
CA GLU D 167 -19.32 -16.94 -6.94
C GLU D 167 -17.95 -17.53 -7.21
N SER D 168 -17.36 -18.05 -6.15
CA SER D 168 -16.03 -18.62 -6.13
C SER D 168 -16.00 -19.65 -5.01
N VAL D 169 -15.46 -20.83 -5.26
CA VAL D 169 -15.37 -21.85 -4.21
C VAL D 169 -13.90 -22.14 -3.90
N THR D 170 -13.60 -22.33 -2.63
CA THR D 170 -12.27 -22.75 -2.25
C THR D 170 -12.08 -24.20 -2.64
N GLU D 171 -10.83 -24.65 -2.55
CA GLU D 171 -10.62 -26.07 -2.78
C GLU D 171 -10.96 -26.83 -1.49
N GLN D 172 -11.29 -28.11 -1.64
CA GLN D 172 -11.71 -28.89 -0.49
C GLN D 172 -10.61 -28.91 0.56
N ASP D 173 -10.99 -28.64 1.81
CA ASP D 173 -10.03 -28.60 2.89
C ASP D 173 -9.34 -29.95 3.10
N SER D 174 -8.07 -29.89 3.45
CA SER D 174 -7.22 -31.05 3.61
C SER D 174 -7.31 -31.70 4.99
N LYS D 175 -7.98 -31.05 5.96
CA LYS D 175 -8.19 -31.64 7.28
C LYS D 175 -9.65 -31.92 7.56
N ASP D 176 -10.55 -30.94 7.41
CA ASP D 176 -11.96 -31.18 7.69
C ASP D 176 -12.77 -31.44 6.44
N SER D 177 -12.15 -31.37 5.26
CA SER D 177 -12.75 -31.82 4.01
C SER D 177 -14.00 -31.01 3.61
N THR D 178 -14.06 -29.73 3.96
CA THR D 178 -15.21 -28.88 3.66
C THR D 178 -14.84 -27.79 2.67
N TYR D 179 -15.86 -27.08 2.18
CA TYR D 179 -15.69 -25.96 1.25
C TYR D 179 -16.09 -24.65 1.91
N SER D 180 -15.83 -23.57 1.19
CA SER D 180 -16.34 -22.24 1.49
C SER D 180 -16.58 -21.51 0.16
N LEU D 181 -17.57 -20.62 0.15
CA LEU D 181 -18.09 -20.07 -1.09
C LEU D 181 -18.49 -18.62 -0.88
N SER D 182 -17.91 -17.71 -1.64
CA SER D 182 -18.39 -16.33 -1.66
C SER D 182 -19.25 -16.12 -2.89
N SER D 183 -20.24 -15.24 -2.76
CA SER D 183 -21.02 -14.74 -3.88
C SER D 183 -21.01 -13.22 -3.82
N THR D 184 -20.74 -12.57 -4.94
CA THR D 184 -20.62 -11.12 -4.94
C THR D 184 -21.70 -10.53 -5.83
N LEU D 185 -22.52 -9.65 -5.27
CA LEU D 185 -23.57 -8.97 -6.00
C LEU D 185 -23.08 -7.57 -6.34
N THR D 186 -23.03 -7.24 -7.64
CA THR D 186 -22.44 -5.98 -8.10
C THR D 186 -23.53 -5.11 -8.71
N LEU D 187 -23.73 -3.92 -8.15
CA LEU D 187 -24.72 -2.95 -8.63
C LEU D 187 -24.07 -1.59 -8.75
N SER D 188 -24.75 -0.68 -9.44
CA SER D 188 -24.36 0.72 -9.46
C SER D 188 -24.87 1.42 -8.19
N LYS D 189 -24.13 2.46 -7.76
CA LYS D 189 -24.52 3.21 -6.57
C LYS D 189 -25.95 3.70 -6.67
N ALA D 190 -26.34 4.12 -7.88
CA ALA D 190 -27.71 4.57 -8.12
C ALA D 190 -28.70 3.48 -7.76
N ASP D 191 -28.56 2.30 -8.38
CA ASP D 191 -29.43 1.18 -8.07
C ASP D 191 -29.35 0.78 -6.61
N TYR D 192 -28.16 0.84 -6.00
CA TYR D 192 -28.03 0.45 -4.61
C TYR D 192 -28.69 1.44 -3.66
N GLU D 193 -28.62 2.74 -3.95
CA GLU D 193 -29.22 3.71 -3.05
C GLU D 193 -30.73 3.68 -3.18
N LYS D 194 -31.24 3.24 -4.31
CA LYS D 194 -32.67 3.31 -4.57
C LYS D 194 -33.44 2.16 -3.89
N HIS D 195 -32.75 1.19 -3.29
CA HIS D 195 -33.38 0.04 -2.62
C HIS D 195 -32.84 -0.10 -1.21
N LYS D 196 -33.59 -0.84 -0.37
CA LYS D 196 -33.35 -0.92 1.07
C LYS D 196 -32.90 -2.30 1.56
N VAL D 197 -33.65 -3.37 1.25
CA VAL D 197 -33.34 -4.69 1.80
C VAL D 197 -32.47 -5.48 0.81
N TYR D 198 -31.38 -6.07 1.31
CA TYR D 198 -30.45 -6.87 0.53
C TYR D 198 -30.27 -8.22 1.20
N ALA D 199 -30.66 -9.30 0.51
CA ALA D 199 -30.74 -10.63 1.10
C ALA D 199 -30.08 -11.65 0.17
N CYS D 200 -29.26 -12.53 0.71
CA CYS D 200 -28.80 -13.69 -0.05
C CYS D 200 -29.50 -14.91 0.50
N GLU D 201 -30.15 -15.66 -0.38
CA GLU D 201 -30.83 -16.87 0.00
C GLU D 201 -29.93 -18.04 -0.36
N VAL D 202 -29.81 -19.00 0.55
CA VAL D 202 -28.88 -20.10 0.40
C VAL D 202 -29.66 -21.41 0.43
N THR D 203 -29.31 -22.32 -0.46
CA THR D 203 -29.90 -23.65 -0.46
C THR D 203 -28.77 -24.67 -0.45
N HIS D 204 -28.85 -25.60 0.50
CA HIS D 204 -27.81 -26.61 0.62
C HIS D 204 -28.37 -27.81 1.35
N GLN D 205 -27.78 -28.97 1.06
CA GLN D 205 -28.32 -30.27 1.48
C GLN D 205 -28.42 -30.39 3.01
N GLY D 206 -27.49 -29.81 3.73
CA GLY D 206 -27.62 -29.85 5.17
C GLY D 206 -28.58 -28.84 5.74
N LEU D 207 -29.22 -28.04 4.90
CA LEU D 207 -30.29 -27.14 5.30
C LEU D 207 -31.60 -27.83 4.99
N SER D 208 -32.45 -27.94 6.02
CA SER D 208 -33.78 -28.50 5.85
C SER D 208 -34.69 -27.57 5.06
N SER D 209 -34.45 -26.26 5.18
CA SER D 209 -35.17 -25.22 4.46
C SER D 209 -34.19 -24.10 4.13
N PRO D 210 -34.44 -23.35 3.05
CA PRO D 210 -33.46 -22.34 2.62
C PRO D 210 -33.23 -21.28 3.68
N VAL D 211 -31.99 -20.74 3.71
CA VAL D 211 -31.56 -19.73 4.65
C VAL D 211 -31.62 -18.37 4.00
N THR D 212 -31.93 -17.34 4.79
CA THR D 212 -31.82 -15.96 4.34
C THR D 212 -30.98 -15.19 5.32
N LYS D 213 -29.98 -14.47 4.81
CA LYS D 213 -29.24 -13.49 5.60
C LYS D 213 -29.40 -12.15 4.92
N SER D 214 -29.98 -11.19 5.61
CA SER D 214 -30.24 -9.88 5.01
C SER D 214 -29.70 -8.77 5.89
N PHE D 215 -29.63 -7.59 5.28
CA PHE D 215 -29.36 -6.33 5.96
C PHE D 215 -30.20 -5.27 5.27
N ASN D 216 -30.62 -4.26 6.03
CA ASN D 216 -31.17 -3.06 5.41
C ASN D 216 -30.09 -2.01 5.28
N ARG D 217 -30.14 -1.24 4.20
CA ARG D 217 -29.05 -0.32 3.88
C ARG D 217 -29.09 0.90 4.79
N GLY D 218 -27.98 1.18 5.45
CA GLY D 218 -27.90 2.32 6.35
C GLY D 218 -28.55 2.12 7.71
N GLU D 219 -28.46 0.92 8.27
CA GLU D 219 -29.06 0.60 9.55
C GLU D 219 -28.01 -0.01 10.47
N THR E 4 33.13 -75.37 -10.09
CA THR E 4 33.69 -74.22 -9.40
C THR E 4 33.84 -73.00 -10.34
N ALA E 5 33.34 -73.13 -11.56
CA ALA E 5 33.56 -72.18 -12.64
C ALA E 5 32.70 -70.92 -12.45
N CYS E 6 33.00 -69.91 -13.27
CA CYS E 6 32.26 -68.66 -13.25
C CYS E 6 30.86 -68.82 -13.84
N ARG E 7 29.89 -68.11 -13.24
CA ARG E 7 28.55 -68.05 -13.84
C ARG E 7 28.52 -67.01 -14.95
N GLU E 8 27.45 -67.03 -15.75
CA GLU E 8 27.40 -66.25 -16.99
C GLU E 8 27.39 -64.75 -16.72
N LYS E 9 26.92 -64.33 -15.55
CA LYS E 9 26.99 -62.94 -15.17
C LYS E 9 28.29 -62.61 -14.41
N GLN E 10 29.34 -63.40 -14.63
CA GLN E 10 30.66 -63.20 -14.04
C GLN E 10 31.73 -63.28 -15.11
N TYR E 11 32.93 -62.85 -14.75
CA TYR E 11 34.08 -62.99 -15.63
C TYR E 11 35.29 -63.40 -14.80
N LEU E 12 36.32 -63.87 -15.51
CA LEU E 12 37.57 -64.34 -14.91
C LEU E 12 38.60 -63.23 -15.01
N ILE E 13 39.15 -62.82 -13.88
CA ILE E 13 40.22 -61.82 -13.84
C ILE E 13 41.02 -62.07 -12.58
N ASN E 14 42.34 -62.16 -12.73
CA ASN E 14 43.27 -62.42 -11.62
C ASN E 14 42.93 -63.72 -10.89
N SER E 15 42.60 -64.76 -11.67
CA SER E 15 42.22 -66.09 -11.16
C SER E 15 41.12 -66.01 -10.10
N GLN E 16 40.33 -64.94 -10.13
CA GLN E 16 39.10 -64.80 -9.36
C GLN E 16 37.92 -64.79 -10.31
N CYS E 17 36.80 -65.38 -9.89
CA CYS E 17 35.53 -65.20 -10.60
C CYS E 17 34.85 -63.95 -10.03
N CYS E 18 34.86 -62.86 -10.79
CA CYS E 18 34.24 -61.61 -10.35
C CYS E 18 32.95 -61.36 -11.14
N SER E 19 31.98 -60.72 -10.49
CA SER E 19 30.69 -60.48 -11.10
C SER E 19 30.74 -59.24 -11.98
N LEU E 20 30.07 -59.32 -13.12
CA LEU E 20 30.04 -58.20 -14.05
C LEU E 20 29.11 -57.09 -13.54
N CYS E 21 29.30 -55.90 -14.09
CA CYS E 21 28.39 -54.81 -13.82
C CYS E 21 27.14 -54.96 -14.66
N GLN E 22 25.97 -54.82 -14.03
CA GLN E 22 24.71 -54.95 -14.76
C GLN E 22 24.56 -53.82 -15.77
N PRO E 23 23.76 -54.03 -16.82
CA PRO E 23 23.49 -52.95 -17.76
C PRO E 23 23.01 -51.70 -17.03
N GLY E 24 23.57 -50.57 -17.43
CA GLY E 24 23.32 -49.32 -16.78
C GLY E 24 24.36 -48.92 -15.77
N GLN E 25 25.16 -49.85 -15.29
CA GLN E 25 26.23 -49.56 -14.35
C GLN E 25 27.58 -49.88 -15.00
N LYS E 26 28.58 -49.06 -14.67
CA LYS E 26 29.94 -49.20 -15.18
C LYS E 26 30.86 -49.68 -14.06
N LEU E 27 32.02 -50.22 -14.44
CA LEU E 27 33.00 -50.69 -13.46
C LEU E 27 33.91 -49.56 -13.01
N VAL E 28 34.08 -49.43 -11.70
CA VAL E 28 34.93 -48.40 -11.10
C VAL E 28 36.18 -49.01 -10.46
N SER E 29 36.07 -50.21 -9.87
CA SER E 29 37.24 -50.96 -9.44
C SER E 29 36.96 -52.45 -9.58
N ASP E 30 37.97 -53.21 -10.01
CA ASP E 30 37.86 -54.66 -10.17
C ASP E 30 37.75 -55.36 -8.83
N CYS E 31 37.20 -56.56 -8.83
CA CYS E 31 37.02 -57.26 -7.56
C CYS E 31 38.36 -57.78 -7.04
N THR E 32 38.53 -57.72 -5.73
CA THR E 32 39.72 -58.25 -5.08
C THR E 32 39.38 -59.57 -4.40
N GLU E 33 40.32 -60.07 -3.60
CA GLU E 33 40.16 -61.36 -2.96
C GLU E 33 38.97 -61.38 -2.01
N PHE E 34 38.71 -60.27 -1.35
CA PHE E 34 37.72 -60.28 -0.29
C PHE E 34 36.51 -59.39 -0.57
N THR E 35 36.70 -58.25 -1.24
CA THR E 35 35.59 -57.37 -1.60
C THR E 35 35.18 -57.59 -3.04
N GLU E 36 33.88 -57.41 -3.32
CA GLU E 36 33.32 -57.65 -4.64
C GLU E 36 33.58 -56.46 -5.55
N THR E 37 33.25 -56.62 -6.83
CA THR E 37 33.51 -55.60 -7.84
C THR E 37 32.55 -54.42 -7.69
N GLU E 38 33.05 -53.23 -8.02
CA GLU E 38 32.39 -51.97 -7.73
C GLU E 38 31.80 -51.39 -9.01
N CYS E 39 30.49 -51.13 -9.02
CA CYS E 39 29.79 -50.59 -10.19
C CYS E 39 29.04 -49.32 -9.81
N LEU E 40 29.11 -48.30 -10.69
CA LEU E 40 28.36 -47.05 -10.48
C LEU E 40 27.33 -46.81 -11.58
N PRO E 41 26.14 -46.31 -11.23
CA PRO E 41 25.14 -45.98 -12.25
C PRO E 41 25.66 -44.97 -13.26
N CYS E 42 25.32 -45.20 -14.52
CA CYS E 42 25.86 -44.39 -15.61
C CYS E 42 25.22 -43.03 -15.66
N GLY E 43 25.94 -42.08 -16.26
CA GLY E 43 25.49 -40.71 -16.42
C GLY E 43 24.07 -40.58 -16.96
N GLU E 44 23.42 -39.46 -16.63
CA GLU E 44 22.04 -39.26 -17.02
C GLU E 44 21.84 -39.35 -18.54
N SER E 45 22.86 -38.98 -19.32
CA SER E 45 22.80 -39.06 -20.77
C SER E 45 23.66 -40.19 -21.35
N GLU E 46 24.03 -41.18 -20.54
CA GLU E 46 24.91 -42.29 -20.92
C GLU E 46 24.21 -43.62 -20.70
N PHE E 47 24.78 -44.70 -21.29
CA PHE E 47 24.16 -46.03 -21.22
C PHE E 47 25.17 -47.14 -21.49
N LEU E 48 24.88 -48.33 -20.95
CA LEU E 48 25.59 -49.57 -21.30
C LEU E 48 24.59 -50.72 -21.41
N ASP E 49 24.54 -51.34 -22.61
CA ASP E 49 23.58 -52.39 -22.94
C ASP E 49 23.85 -53.69 -22.20
N THR E 50 25.10 -54.11 -22.10
CA THR E 50 25.46 -55.44 -21.62
C THR E 50 25.87 -55.41 -20.15
N TRP E 51 25.87 -56.60 -19.52
CA TRP E 51 26.68 -56.82 -18.33
C TRP E 51 28.14 -56.67 -18.73
N ASN E 52 28.89 -55.86 -18.00
CA ASN E 52 30.08 -55.29 -18.63
C ASN E 52 31.22 -55.08 -17.63
N ARG E 53 32.39 -54.77 -18.21
CA ARG E 53 33.63 -54.43 -17.52
C ARG E 53 34.05 -52.99 -17.80
N GLU E 54 33.19 -52.22 -18.44
CA GLU E 54 33.65 -50.96 -19.00
C GLU E 54 33.81 -49.92 -17.91
N THR E 55 34.89 -49.14 -18.02
CA THR E 55 35.19 -48.11 -17.02
C THR E 55 34.39 -46.84 -17.27
N HIS E 56 34.12 -46.53 -18.52
CA HIS E 56 33.31 -45.38 -18.84
C HIS E 56 32.08 -45.85 -19.62
N CYS E 57 31.23 -44.89 -19.97
CA CYS E 57 29.88 -45.17 -20.40
C CYS E 57 29.60 -44.47 -21.74
N HIS E 58 28.69 -45.03 -22.52
CA HIS E 58 28.40 -44.53 -23.86
C HIS E 58 27.37 -43.41 -23.86
N GLN E 59 27.58 -42.40 -24.70
CA GLN E 59 26.64 -41.28 -24.82
C GLN E 59 25.40 -41.66 -25.62
N HIS E 60 24.24 -41.16 -25.19
CA HIS E 60 22.98 -41.39 -25.90
C HIS E 60 23.00 -40.80 -27.30
N LYS E 61 22.39 -41.51 -28.23
CA LYS E 61 22.18 -40.98 -29.56
C LYS E 61 21.23 -39.80 -29.51
N TYR E 62 21.54 -38.75 -30.28
CA TYR E 62 20.74 -37.54 -30.38
C TYR E 62 19.96 -37.53 -31.69
N CYS E 63 18.64 -37.37 -31.59
CA CYS E 63 17.78 -37.35 -32.77
C CYS E 63 17.71 -35.90 -33.24
N ASP E 64 18.65 -35.53 -34.10
CA ASP E 64 18.80 -34.19 -34.65
C ASP E 64 17.60 -33.77 -35.47
N PRO E 65 16.87 -32.72 -35.07
CA PRO E 65 15.70 -32.30 -35.84
C PRO E 65 16.04 -31.64 -37.16
N ASN E 66 17.28 -31.19 -37.37
CA ASN E 66 17.68 -30.70 -38.69
C ASN E 66 17.78 -31.84 -39.69
N LEU E 67 17.83 -33.08 -39.21
CA LEU E 67 17.72 -34.25 -40.06
C LEU E 67 16.28 -34.76 -40.18
N GLY E 68 15.32 -34.04 -39.60
CA GLY E 68 13.93 -34.44 -39.63
C GLY E 68 13.59 -35.53 -38.65
N LEU E 69 14.46 -35.76 -37.67
CA LEU E 69 14.37 -36.90 -36.78
C LEU E 69 13.61 -36.57 -35.51
N ARG E 70 12.85 -37.54 -35.05
CA ARG E 70 12.07 -37.51 -33.82
C ARG E 70 12.59 -38.63 -32.93
N VAL E 71 12.11 -38.68 -31.70
CA VAL E 71 12.49 -39.72 -30.76
C VAL E 71 11.40 -40.77 -30.74
N GLN E 72 11.77 -42.00 -31.09
CA GLN E 72 10.83 -43.10 -30.94
C GLN E 72 10.79 -43.56 -29.50
N GLN E 73 11.94 -43.55 -28.85
CA GLN E 73 12.03 -43.96 -27.45
C GLN E 73 13.28 -43.35 -26.83
N LYS E 74 13.12 -42.76 -25.65
CA LYS E 74 14.18 -41.99 -25.02
C LYS E 74 15.24 -42.90 -24.42
N GLY E 75 16.49 -42.43 -24.45
CA GLY E 75 17.58 -43.19 -23.89
C GLY E 75 17.37 -43.51 -22.43
N THR E 76 17.86 -44.66 -22.01
CA THR E 76 17.82 -45.04 -20.60
C THR E 76 19.23 -45.33 -20.07
N SER E 77 19.26 -45.85 -18.84
CA SER E 77 20.49 -46.41 -18.26
C SER E 77 21.00 -47.58 -19.10
N GLU E 78 20.11 -48.41 -19.62
CA GLU E 78 20.41 -49.67 -20.27
C GLU E 78 20.25 -49.64 -21.78
N THR E 79 19.61 -48.62 -22.35
CA THR E 79 19.31 -48.63 -23.78
C THR E 79 19.53 -47.25 -24.39
N ASP E 80 19.99 -47.24 -25.63
CA ASP E 80 20.19 -46.00 -26.33
C ASP E 80 18.85 -45.43 -26.79
N THR E 81 18.89 -44.19 -27.26
CA THR E 81 17.75 -43.56 -27.90
C THR E 81 17.44 -44.27 -29.20
N ILE E 82 16.15 -44.33 -29.53
CA ILE E 82 15.73 -44.69 -30.88
C ILE E 82 15.13 -43.46 -31.55
N CYS E 83 15.44 -43.28 -32.82
CA CYS E 83 14.89 -42.19 -33.60
C CYS E 83 13.88 -42.74 -34.61
N THR E 84 13.03 -41.84 -35.10
CA THR E 84 12.22 -42.06 -36.30
C THR E 84 12.08 -40.72 -37.00
N CYS E 85 11.14 -40.64 -37.92
CA CYS E 85 10.98 -39.44 -38.72
C CYS E 85 9.60 -38.84 -38.44
N GLU E 86 9.40 -37.62 -38.94
CA GLU E 86 8.13 -36.95 -38.73
C GLU E 86 7.02 -37.64 -39.53
N GLU E 87 5.79 -37.10 -39.41
CA GLU E 87 4.58 -37.90 -39.60
C GLU E 87 4.47 -38.48 -41.01
N GLY E 88 4.93 -37.75 -42.02
CA GLY E 88 4.86 -38.31 -43.36
C GLY E 88 6.21 -38.57 -43.99
N TRP E 89 7.16 -39.06 -43.22
CA TRP E 89 8.53 -39.19 -43.68
C TRP E 89 8.97 -40.62 -43.48
N HIS E 90 10.06 -41.00 -44.13
CA HIS E 90 10.55 -42.38 -44.09
C HIS E 90 11.99 -42.41 -43.61
N CYS E 91 12.26 -43.34 -42.70
CA CYS E 91 13.64 -43.61 -42.34
C CYS E 91 14.39 -44.15 -43.56
N THR E 92 15.65 -43.76 -43.70
CA THR E 92 16.43 -44.20 -44.86
C THR E 92 17.07 -45.57 -44.68
N SER E 93 17.10 -46.10 -43.46
CA SER E 93 17.60 -47.43 -43.16
C SER E 93 17.05 -47.84 -41.81
N GLU E 94 17.23 -49.12 -41.45
CA GLU E 94 16.82 -49.55 -40.12
C GLU E 94 17.51 -48.74 -39.03
N ALA E 95 18.71 -48.22 -39.33
CA ALA E 95 19.40 -47.35 -38.39
C ALA E 95 18.71 -46.01 -38.26
N CYS E 96 18.01 -45.58 -39.30
CA CYS E 96 17.29 -44.30 -39.35
C CYS E 96 18.15 -43.14 -38.88
N GLU E 97 19.24 -42.91 -39.61
CA GLU E 97 20.07 -41.74 -39.36
C GLU E 97 19.64 -40.54 -40.19
N SER E 98 18.71 -40.73 -41.13
CA SER E 98 18.21 -39.68 -42.01
C SER E 98 16.73 -39.91 -42.29
N CYS E 99 16.10 -38.91 -42.89
CA CYS E 99 14.66 -38.96 -43.19
C CYS E 99 14.41 -38.55 -44.62
N VAL E 100 13.37 -39.11 -45.22
CA VAL E 100 13.17 -38.82 -46.61
C VAL E 100 11.69 -38.87 -46.93
N LEU E 101 11.29 -38.00 -47.85
CA LEU E 101 9.91 -37.94 -48.31
C LEU E 101 9.60 -39.05 -49.29
N HIS E 102 10.46 -39.24 -50.29
CA HIS E 102 10.18 -40.14 -51.40
C HIS E 102 9.98 -41.57 -50.92
N ARG E 103 9.10 -42.27 -51.62
CA ARG E 103 8.81 -43.66 -51.28
C ARG E 103 9.98 -44.55 -51.66
N SER E 104 10.08 -45.66 -50.97
CA SER E 104 11.01 -46.69 -51.39
C SER E 104 10.20 -47.89 -51.87
N CYS E 105 10.91 -48.88 -52.39
CA CYS E 105 10.29 -50.04 -52.99
C CYS E 105 10.57 -51.26 -52.14
N SER E 106 9.51 -51.91 -51.66
CA SER E 106 9.55 -53.02 -50.72
C SER E 106 10.00 -54.31 -51.41
N PRO E 107 10.45 -55.31 -50.64
CA PRO E 107 10.80 -56.60 -51.23
C PRO E 107 9.71 -57.13 -52.15
N GLY E 108 10.12 -57.72 -53.27
CA GLY E 108 9.21 -58.11 -54.32
C GLY E 108 8.97 -57.06 -55.38
N PHE E 109 9.50 -55.85 -55.18
CA PHE E 109 9.36 -54.76 -56.13
C PHE E 109 10.72 -54.16 -56.42
N GLY E 110 10.82 -53.52 -57.57
CA GLY E 110 12.03 -52.81 -57.95
C GLY E 110 11.68 -51.46 -58.51
N VAL E 111 12.71 -50.62 -58.59
CA VAL E 111 12.53 -49.25 -59.04
C VAL E 111 12.34 -49.23 -60.56
N LYS E 112 11.19 -48.76 -61.00
CA LYS E 112 10.98 -48.51 -62.42
C LYS E 112 11.48 -47.14 -62.81
N GLN E 113 11.51 -46.23 -61.85
CA GLN E 113 11.81 -44.83 -62.09
C GLN E 113 12.23 -44.22 -60.77
N ILE E 114 13.49 -43.78 -60.71
CA ILE E 114 13.96 -43.04 -59.56
C ILE E 114 13.13 -41.76 -59.42
N ALA E 115 12.90 -41.33 -58.19
CA ALA E 115 12.18 -40.08 -57.96
C ALA E 115 12.98 -38.89 -58.48
N THR E 116 12.31 -37.78 -58.79
CA THR E 116 13.09 -36.67 -59.43
C THR E 116 12.90 -35.30 -58.79
N GLY E 117 12.02 -35.16 -57.80
CA GLY E 117 11.87 -33.81 -57.22
C GLY E 117 10.89 -32.98 -58.00
N VAL E 118 9.93 -33.69 -58.60
CA VAL E 118 8.78 -33.20 -59.40
C VAL E 118 7.96 -34.47 -59.63
N SER E 119 8.46 -35.56 -59.04
CA SER E 119 7.81 -36.87 -59.09
C SER E 119 8.41 -37.78 -58.02
N ASP E 120 7.57 -38.67 -57.49
CA ASP E 120 7.95 -39.67 -56.52
C ASP E 120 8.52 -40.90 -57.23
N THR E 121 9.06 -41.82 -56.44
CA THR E 121 9.53 -43.10 -56.97
C THR E 121 8.39 -43.85 -57.62
N ILE E 122 8.64 -44.36 -58.80
CA ILE E 122 7.70 -45.26 -59.45
C ILE E 122 8.19 -46.67 -59.18
N CYS E 123 7.33 -47.44 -58.54
CA CYS E 123 7.65 -48.77 -58.06
C CYS E 123 7.05 -49.80 -59.04
N GLU E 124 7.66 -50.98 -59.09
CA GLU E 124 7.27 -52.00 -60.08
C GLU E 124 7.55 -53.39 -59.54
N PRO E 125 6.62 -54.33 -59.71
CA PRO E 125 6.83 -55.68 -59.16
C PRO E 125 7.89 -56.45 -59.92
N CYS E 126 8.61 -57.29 -59.19
CA CYS E 126 9.61 -58.16 -59.77
C CYS E 126 8.92 -59.34 -60.46
N PRO E 127 8.98 -59.43 -61.80
CA PRO E 127 8.29 -60.52 -62.50
C PRO E 127 9.04 -61.84 -62.38
N VAL E 128 8.60 -62.85 -63.15
CA VAL E 128 9.20 -64.19 -63.06
C VAL E 128 10.65 -64.16 -63.50
N GLY E 129 11.53 -64.67 -62.65
CA GLY E 129 12.96 -64.70 -62.91
C GLY E 129 13.75 -63.70 -62.09
N PHE E 130 13.22 -62.48 -61.93
CA PHE E 130 13.88 -61.39 -61.23
C PHE E 130 13.38 -61.31 -59.78
N PHE E 131 14.20 -60.72 -58.91
CA PHE E 131 13.93 -60.74 -57.47
C PHE E 131 14.47 -59.47 -56.80
N SER E 132 14.06 -59.28 -55.53
CA SER E 132 14.46 -58.09 -54.75
C SER E 132 14.40 -58.45 -53.27
N ASN E 133 15.57 -58.65 -52.65
CA ASN E 133 15.64 -59.11 -51.25
C ASN E 133 15.35 -57.98 -50.25
N VAL E 134 15.89 -56.79 -50.49
CA VAL E 134 15.77 -55.68 -49.54
C VAL E 134 14.75 -54.68 -50.07
N SER E 135 14.42 -53.68 -49.25
CA SER E 135 13.64 -52.55 -49.73
C SER E 135 14.57 -51.36 -49.95
N SER E 136 14.31 -50.62 -51.02
CA SER E 136 15.26 -49.62 -51.48
C SER E 136 14.59 -48.73 -52.50
N ALA E 137 14.94 -47.45 -52.46
CA ALA E 137 14.39 -46.50 -53.40
C ALA E 137 15.29 -46.32 -54.62
N PHE E 138 16.27 -47.20 -54.81
CA PHE E 138 17.23 -47.04 -55.90
C PHE E 138 17.47 -48.29 -56.75
N GLU E 139 17.36 -49.49 -56.17
CA GLU E 139 17.76 -50.72 -56.84
C GLU E 139 16.62 -51.30 -57.67
N LYS E 140 16.91 -51.59 -58.94
CA LYS E 140 16.02 -52.30 -59.85
C LYS E 140 16.03 -53.80 -59.54
N CYS E 141 15.15 -54.55 -60.22
CA CYS E 141 14.97 -55.96 -59.94
C CYS E 141 16.18 -56.77 -60.44
N HIS E 142 16.84 -57.47 -59.50
CA HIS E 142 17.93 -58.37 -59.82
C HIS E 142 17.42 -59.60 -60.55
N PRO E 143 18.10 -60.07 -61.58
CA PRO E 143 17.78 -61.40 -62.14
C PRO E 143 18.43 -62.52 -61.35
N TRP E 144 17.81 -63.70 -61.41
CA TRP E 144 18.14 -64.81 -60.51
C TRP E 144 19.41 -65.54 -60.96
N THR E 145 20.11 -66.08 -59.96
CA THR E 145 21.41 -66.74 -60.14
C THR E 145 21.22 -68.24 -60.35
N SER E 146 21.91 -68.80 -61.35
CA SER E 146 21.91 -70.24 -61.57
C SER E 146 23.15 -70.87 -60.96
N CYS E 147 23.08 -72.19 -60.75
CA CYS E 147 24.07 -72.88 -59.93
C CYS E 147 24.19 -74.34 -60.40
N GLU E 148 24.67 -75.21 -59.50
CA GLU E 148 24.59 -76.65 -59.66
C GLU E 148 23.29 -77.26 -59.11
N THR E 149 22.99 -77.02 -57.84
CA THR E 149 21.88 -77.73 -57.17
C THR E 149 20.88 -76.72 -56.62
N LYS E 150 19.68 -76.69 -57.21
CA LYS E 150 18.62 -75.71 -56.93
C LYS E 150 17.68 -76.29 -55.88
N ASP E 151 17.98 -76.00 -54.60
CA ASP E 151 17.17 -76.53 -53.49
C ASP E 151 15.89 -75.74 -53.24
N LEU E 152 15.85 -74.47 -53.64
CA LEU E 152 14.64 -73.65 -53.52
C LEU E 152 14.69 -72.52 -54.55
N VAL E 153 13.52 -72.18 -55.08
CA VAL E 153 13.35 -71.18 -56.14
C VAL E 153 13.58 -69.77 -55.62
N VAL E 154 13.58 -68.79 -56.54
CA VAL E 154 13.60 -67.35 -56.24
C VAL E 154 12.17 -66.82 -56.25
N GLN E 155 11.84 -65.99 -55.26
CA GLN E 155 10.47 -65.51 -55.14
C GLN E 155 10.34 -64.08 -55.67
N GLN E 156 9.10 -63.60 -55.63
CA GLN E 156 8.67 -62.31 -56.18
C GLN E 156 9.47 -61.14 -55.62
N LYS E 161 11.78 -62.09 -53.93
CA LYS E 161 12.10 -61.63 -52.59
C LYS E 161 13.13 -62.56 -51.94
N THR E 162 13.45 -63.66 -52.61
CA THR E 162 14.41 -64.63 -52.11
C THR E 162 15.58 -64.79 -53.06
N ASP E 163 16.77 -64.95 -52.51
CA ASP E 163 17.85 -65.43 -53.36
C ASP E 163 17.65 -66.92 -53.64
N VAL E 164 18.36 -67.42 -54.63
CA VAL E 164 18.23 -68.82 -55.04
C VAL E 164 19.07 -69.69 -54.13
N VAL E 165 18.44 -70.61 -53.41
CA VAL E 165 19.17 -71.54 -52.57
C VAL E 165 19.90 -72.54 -53.44
N CYS E 166 21.18 -72.72 -53.19
CA CYS E 166 22.00 -73.68 -53.93
C CYS E 166 23.08 -74.31 -53.05
N PRO F 3 22.51 55.36 62.47
CA PRO F 3 23.37 54.18 62.57
C PRO F 3 22.75 52.92 61.93
N THR F 4 21.55 53.06 61.35
CA THR F 4 20.81 51.98 60.68
C THR F 4 19.73 52.63 59.81
N ALA F 5 19.10 51.83 58.94
CA ALA F 5 18.10 52.36 58.00
C ALA F 5 17.03 51.31 57.71
N CYS F 6 16.04 51.68 56.88
CA CYS F 6 15.02 50.77 56.35
C CYS F 6 14.38 51.37 55.11
N ARG F 7 14.52 50.70 53.96
CA ARG F 7 14.06 51.22 52.67
C ARG F 7 12.54 51.19 52.56
N GLU F 8 12.01 51.68 51.43
CA GLU F 8 10.56 51.69 51.24
C GLU F 8 10.04 50.34 50.73
N LYS F 9 10.85 49.57 50.00
CA LYS F 9 10.44 48.25 49.57
C LYS F 9 10.82 47.15 50.56
N GLN F 10 11.21 47.54 51.77
CA GLN F 10 11.53 46.61 52.84
C GLN F 10 10.49 46.73 53.94
N TYR F 11 10.39 45.69 54.76
CA TYR F 11 9.60 45.74 55.98
C TYR F 11 10.44 45.28 57.15
N LEU F 12 9.95 45.56 58.35
CA LEU F 12 10.67 45.25 59.58
C LEU F 12 10.12 43.98 60.21
N ILE F 13 10.97 42.98 60.38
CA ILE F 13 10.59 41.79 61.12
C ILE F 13 11.82 41.30 61.87
N ASN F 14 11.64 40.99 63.16
CA ASN F 14 12.64 40.29 63.98
C ASN F 14 13.97 41.04 64.01
N SER F 15 13.89 42.37 64.14
CA SER F 15 15.00 43.32 64.27
C SER F 15 15.77 43.54 62.96
N GLN F 16 15.53 42.69 61.97
CA GLN F 16 16.19 42.84 60.67
C GLN F 16 15.19 43.46 59.70
N CYS F 17 15.70 44.29 58.80
CA CYS F 17 14.89 44.90 57.76
C CYS F 17 14.86 43.94 56.56
N CYS F 18 13.74 43.27 56.36
CA CYS F 18 13.59 42.27 55.30
C CYS F 18 12.95 42.88 54.05
N SER F 19 13.12 42.18 52.93
CA SER F 19 12.58 42.65 51.65
C SER F 19 11.17 42.14 51.46
N LEU F 20 10.31 43.02 50.96
CA LEU F 20 8.96 42.63 50.55
C LEU F 20 9.01 41.97 49.17
N CYS F 21 8.04 41.07 48.94
CA CYS F 21 7.90 40.42 47.65
C CYS F 21 7.28 41.38 46.64
N GLN F 22 7.82 41.36 45.42
CA GLN F 22 7.37 42.25 44.38
C GLN F 22 5.94 41.91 43.98
N PRO F 23 5.19 42.87 43.44
CA PRO F 23 3.82 42.55 43.00
C PRO F 23 3.87 41.36 42.05
N GLY F 24 3.00 40.39 42.30
CA GLY F 24 2.96 39.16 41.56
C GLY F 24 3.61 37.96 42.22
N GLN F 25 4.42 38.16 43.26
CA GLN F 25 5.07 37.05 43.95
C GLN F 25 4.59 36.97 45.39
N LYS F 26 4.27 35.78 45.84
CA LYS F 26 3.88 35.51 47.22
C LYS F 26 5.11 35.19 48.07
N LEU F 27 4.92 35.18 49.39
CA LEU F 27 6.00 34.86 50.31
C LEU F 27 6.01 33.37 50.61
N VAL F 28 7.21 32.83 50.77
CA VAL F 28 7.43 31.42 51.10
C VAL F 28 8.00 31.26 52.51
N SER F 29 9.00 32.07 52.87
CA SER F 29 9.58 32.07 54.20
C SER F 29 10.21 33.44 54.45
N ASP F 30 10.35 33.80 55.74
CA ASP F 30 10.83 35.13 56.12
C ASP F 30 12.35 35.22 56.11
N CYS F 31 12.85 36.44 55.88
CA CYS F 31 14.29 36.63 55.74
C CYS F 31 14.96 36.68 57.10
N THR F 32 16.10 36.03 57.19
CA THR F 32 16.85 35.95 58.42
C THR F 32 18.06 36.88 58.36
N GLU F 33 18.94 36.71 59.33
CA GLU F 33 20.16 37.48 59.41
C GLU F 33 20.99 37.37 58.14
N PHE F 34 21.09 36.17 57.56
CA PHE F 34 22.06 35.87 56.50
C PHE F 34 21.43 35.33 55.22
N THR F 35 20.10 35.14 55.19
CA THR F 35 19.37 34.76 53.99
C THR F 35 18.24 35.76 53.79
N GLU F 36 18.00 36.13 52.53
CA GLU F 36 16.99 37.12 52.23
C GLU F 36 15.62 36.46 52.10
N THR F 37 14.60 37.28 51.88
CA THR F 37 13.24 36.78 51.73
C THR F 37 13.13 35.96 50.46
N GLU F 38 12.54 34.78 50.55
CA GLU F 38 12.26 34.01 49.34
C GLU F 38 10.78 34.12 48.97
N CYS F 39 10.54 34.48 47.72
CA CYS F 39 9.23 34.65 47.14
C CYS F 39 9.03 33.63 46.02
N LEU F 40 7.78 33.51 45.56
CA LEU F 40 7.42 32.65 44.44
C LEU F 40 6.35 33.35 43.63
N PRO F 41 6.37 33.21 42.31
CA PRO F 41 5.34 33.86 41.50
C PRO F 41 3.97 33.29 41.81
N CYS F 42 2.95 34.10 41.55
CA CYS F 42 1.56 33.70 41.79
C CYS F 42 1.15 32.59 40.83
N GLY F 43 -0.06 32.08 41.01
CA GLY F 43 -0.55 31.07 40.10
C GLY F 43 -1.04 31.68 38.80
N GLU F 44 -1.19 30.82 37.78
CA GLU F 44 -1.66 31.32 36.49
C GLU F 44 -3.01 32.01 36.63
N SER F 45 -3.82 31.59 37.58
CA SER F 45 -5.12 32.19 37.84
C SER F 45 -5.12 33.11 39.06
N GLU F 46 -3.95 33.48 39.59
CA GLU F 46 -3.88 34.27 40.81
C GLU F 46 -3.16 35.60 40.56
N PHE F 47 -3.17 36.46 41.58
CA PHE F 47 -2.47 37.75 41.47
C PHE F 47 -2.19 38.35 42.85
N LEU F 48 -1.44 39.46 42.84
CA LEU F 48 -1.08 40.25 44.03
C LEU F 48 -0.67 41.64 43.58
N ASP F 49 -1.34 42.67 44.09
CA ASP F 49 -1.18 44.02 43.55
C ASP F 49 0.09 44.72 44.01
N THR F 50 0.69 44.29 45.11
CA THR F 50 1.54 45.17 45.91
C THR F 50 2.83 44.48 46.30
N TRP F 51 3.80 45.30 46.68
CA TRP F 51 4.95 44.83 47.44
C TRP F 51 4.41 44.29 48.75
N ASN F 52 4.51 42.99 48.95
CA ASN F 52 3.68 42.35 49.94
C ASN F 52 4.49 41.32 50.70
N ARG F 53 3.83 40.69 51.67
CA ARG F 53 4.35 39.57 52.44
C ARG F 53 3.26 38.54 52.69
N GLU F 54 2.32 38.44 51.78
CA GLU F 54 1.24 37.47 51.86
C GLU F 54 1.71 36.12 51.31
N THR F 55 1.19 35.04 51.89
CA THR F 55 1.60 33.69 51.52
C THR F 55 0.59 32.97 50.64
N HIS F 56 -0.49 33.65 50.25
CA HIS F 56 -1.47 33.17 49.30
C HIS F 56 -1.78 34.30 48.34
N CYS F 57 -1.94 33.97 47.07
CA CYS F 57 -2.31 34.99 46.10
C CYS F 57 -3.84 35.08 45.96
N HIS F 58 -4.28 36.12 45.28
CA HIS F 58 -5.70 36.37 45.08
C HIS F 58 -6.23 35.68 43.82
N GLN F 59 -7.47 35.23 43.92
CA GLN F 59 -8.20 34.59 42.84
C GLN F 59 -8.56 35.62 41.76
N HIS F 60 -8.40 35.25 40.48
CA HIS F 60 -8.65 36.16 39.36
C HIS F 60 -10.14 36.40 39.11
N LYS F 61 -10.49 37.64 38.76
CA LYS F 61 -11.88 37.96 38.41
C LYS F 61 -12.33 37.25 37.12
N TYR F 62 -13.51 36.64 37.16
CA TYR F 62 -14.11 36.02 35.98
C TYR F 62 -15.14 36.98 35.42
N CYS F 63 -15.02 37.31 34.14
CA CYS F 63 -16.03 38.15 33.50
C CYS F 63 -17.06 37.21 32.87
N ASP F 64 -18.21 37.08 33.54
CA ASP F 64 -19.21 36.09 33.14
C ASP F 64 -20.02 36.60 31.97
N PRO F 65 -20.07 35.88 30.84
CA PRO F 65 -20.90 36.32 29.72
C PRO F 65 -22.39 36.37 30.02
N ASN F 66 -22.90 35.46 30.86
CA ASN F 66 -24.29 35.47 31.31
C ASN F 66 -24.66 36.71 32.09
N LEU F 67 -23.70 37.53 32.47
CA LEU F 67 -23.98 38.84 33.02
C LEU F 67 -23.68 39.93 32.01
N GLY F 68 -23.39 39.54 30.77
CA GLY F 68 -23.02 40.48 29.73
C GLY F 68 -21.60 40.99 29.80
N LEU F 69 -20.72 40.29 30.51
CA LEU F 69 -19.38 40.80 30.77
C LEU F 69 -18.38 40.29 29.74
N ARG F 70 -17.62 41.23 29.16
CA ARG F 70 -16.45 40.97 28.34
C ARG F 70 -15.19 41.24 29.18
N VAL F 71 -14.04 40.80 28.66
CA VAL F 71 -12.77 41.11 29.31
C VAL F 71 -12.20 42.37 28.67
N GLN F 72 -11.92 43.37 29.52
CA GLN F 72 -11.31 44.61 29.05
C GLN F 72 -9.79 44.52 29.08
N GLN F 73 -9.25 43.92 30.14
CA GLN F 73 -7.82 43.67 30.21
C GLN F 73 -7.64 42.37 30.97
N LYS F 74 -6.83 41.50 30.39
CA LYS F 74 -6.50 40.16 30.87
C LYS F 74 -6.03 40.17 32.31
N GLY F 75 -6.20 39.06 33.01
CA GLY F 75 -5.56 38.90 34.31
C GLY F 75 -4.06 38.65 34.14
N THR F 76 -3.26 39.46 34.82
CA THR F 76 -1.83 39.25 34.84
C THR F 76 -1.41 38.95 36.28
N SER F 77 -0.15 38.50 36.41
CA SER F 77 0.41 38.15 37.72
C SER F 77 0.25 39.28 38.73
N GLU F 78 0.28 40.53 38.26
CA GLU F 78 0.41 41.70 39.10
C GLU F 78 -0.81 42.60 39.07
N THR F 79 -1.88 42.20 38.39
CA THR F 79 -3.10 42.99 38.27
C THR F 79 -4.29 42.05 38.17
N ASP F 80 -5.46 42.56 38.52
CA ASP F 80 -6.66 41.75 38.41
C ASP F 80 -7.35 41.96 37.06
N THR F 81 -8.08 40.93 36.64
CA THR F 81 -8.91 41.00 35.44
C THR F 81 -9.89 42.17 35.51
N ILE F 82 -9.92 42.98 34.47
CA ILE F 82 -10.87 44.07 34.39
C ILE F 82 -11.98 43.66 33.43
N CYS F 83 -13.23 43.97 33.79
CA CYS F 83 -14.37 43.64 32.95
C CYS F 83 -15.01 44.89 32.40
N THR F 84 -15.86 44.70 31.38
CA THR F 84 -16.78 45.72 30.85
C THR F 84 -17.93 45.02 30.14
N CYS F 85 -18.69 45.80 29.37
CA CYS F 85 -19.95 45.37 28.80
C CYS F 85 -19.97 45.54 27.28
N GLU F 86 -21.00 44.94 26.67
CA GLU F 86 -21.25 44.98 25.23
C GLU F 86 -21.45 46.42 24.76
N GLU F 87 -21.51 46.59 23.43
CA GLU F 87 -21.46 47.92 22.84
C GLU F 87 -22.58 48.83 23.33
N GLY F 88 -23.76 48.29 23.61
CA GLY F 88 -24.86 49.14 24.04
C GLY F 88 -25.15 49.18 25.52
N TRP F 89 -24.33 48.52 26.34
CA TRP F 89 -24.62 48.27 27.74
C TRP F 89 -23.77 49.17 28.65
N HIS F 90 -24.02 49.07 29.96
CA HIS F 90 -23.34 49.85 30.98
C HIS F 90 -22.93 48.95 32.14
N CYS F 91 -21.79 49.26 32.75
CA CYS F 91 -21.44 48.63 34.01
C CYS F 91 -22.30 49.21 35.13
N THR F 92 -22.82 48.33 35.99
CA THR F 92 -23.67 48.78 37.08
C THR F 92 -22.93 49.75 37.99
N SER F 93 -21.64 49.52 38.22
CA SER F 93 -20.79 50.39 39.01
C SER F 93 -19.38 50.32 38.43
N GLU F 94 -18.45 51.07 39.04
CA GLU F 94 -17.05 51.01 38.57
C GLU F 94 -16.49 49.60 38.72
N ALA F 95 -16.88 48.91 39.79
CA ALA F 95 -16.44 47.54 39.99
C ALA F 95 -16.92 46.62 38.87
N CYS F 96 -17.95 47.04 38.12
CA CYS F 96 -18.47 46.33 36.96
C CYS F 96 -18.71 44.84 37.25
N GLU F 97 -19.71 44.61 38.10
CA GLU F 97 -20.11 43.25 38.47
C GLU F 97 -21.16 42.66 37.54
N SER F 98 -21.92 43.49 36.81
CA SER F 98 -22.81 43.03 35.75
C SER F 98 -23.15 44.22 34.87
N CYS F 99 -24.10 44.04 33.96
CA CYS F 99 -24.32 44.98 32.87
C CYS F 99 -25.79 45.32 32.73
N VAL F 100 -26.05 46.60 32.46
CA VAL F 100 -27.40 47.14 32.37
C VAL F 100 -27.51 47.96 31.10
N LEU F 101 -28.74 48.25 30.74
CA LEU F 101 -29.03 49.20 29.67
C LEU F 101 -29.41 50.58 30.18
N HIS F 102 -29.89 50.67 31.42
CA HIS F 102 -30.34 51.94 31.97
C HIS F 102 -29.15 52.79 32.35
N ARG F 103 -29.23 54.07 32.02
CA ARG F 103 -28.20 55.02 32.34
C ARG F 103 -28.34 55.50 33.78
N SER F 104 -27.28 56.08 34.31
CA SER F 104 -27.28 56.60 35.67
C SER F 104 -26.93 58.08 35.64
N CYS F 105 -27.53 58.83 36.55
CA CYS F 105 -27.24 60.26 36.61
C CYS F 105 -25.87 60.50 37.23
N SER F 106 -25.15 61.46 36.66
CA SER F 106 -23.80 61.76 37.09
C SER F 106 -23.81 62.80 38.21
N PRO F 107 -22.71 62.89 38.98
CA PRO F 107 -22.62 63.95 40.01
C PRO F 107 -23.10 65.28 39.48
N GLY F 108 -23.96 65.94 40.25
CA GLY F 108 -24.62 67.12 39.80
C GLY F 108 -26.07 66.90 39.44
N PHE F 109 -26.43 65.68 39.06
CA PHE F 109 -27.79 65.29 38.77
C PHE F 109 -28.25 64.22 39.74
N GLY F 110 -29.56 64.20 40.01
CA GLY F 110 -30.18 63.16 40.79
C GLY F 110 -31.32 62.49 40.03
N VAL F 111 -31.78 61.37 40.58
CA VAL F 111 -32.80 60.59 39.90
C VAL F 111 -34.17 61.15 40.22
N LYS F 112 -34.85 61.70 39.21
CA LYS F 112 -36.25 62.06 39.36
C LYS F 112 -37.12 60.82 39.34
N GLN F 113 -36.87 59.91 38.39
CA GLN F 113 -37.68 58.71 38.22
C GLN F 113 -36.79 57.52 37.92
N ILE F 114 -36.75 56.55 38.85
CA ILE F 114 -36.10 55.28 38.57
C ILE F 114 -36.74 54.65 37.34
N ALA F 115 -35.92 53.99 36.51
CA ALA F 115 -36.39 53.42 35.24
C ALA F 115 -37.37 52.27 35.44
N THR F 116 -38.30 52.13 34.49
CA THR F 116 -39.25 51.03 34.39
C THR F 116 -39.55 50.79 32.94
N GLY F 117 -39.93 49.56 32.63
CA GLY F 117 -40.37 49.22 31.30
C GLY F 117 -39.37 49.69 30.29
N VAL F 118 -39.82 50.55 29.37
CA VAL F 118 -38.94 51.13 28.35
C VAL F 118 -38.80 52.62 28.54
N SER F 119 -38.95 53.11 29.77
CA SER F 119 -38.51 54.44 30.13
C SER F 119 -37.15 54.33 30.82
N ASP F 120 -36.16 55.06 30.30
CA ASP F 120 -34.84 55.11 30.90
C ASP F 120 -34.91 55.94 32.18
N THR F 121 -33.89 55.83 33.03
CA THR F 121 -33.90 56.64 34.24
C THR F 121 -33.97 58.12 33.88
N ILE F 122 -34.74 58.86 34.66
CA ILE F 122 -35.00 60.27 34.41
C ILE F 122 -34.20 61.07 35.41
N CYS F 123 -33.30 61.90 34.89
CA CYS F 123 -32.38 62.66 35.68
C CYS F 123 -32.74 64.12 35.57
N GLU F 124 -32.62 64.83 36.68
CA GLU F 124 -32.73 66.28 36.76
C GLU F 124 -31.49 66.82 37.45
N PRO F 125 -31.12 68.06 37.19
CA PRO F 125 -30.00 68.66 37.93
C PRO F 125 -30.41 69.00 39.36
N CYS F 126 -29.49 68.83 40.29
CA CYS F 126 -29.78 69.14 41.69
C CYS F 126 -29.95 70.64 41.88
N PRO F 127 -30.98 71.08 42.58
CA PRO F 127 -31.14 72.52 42.79
C PRO F 127 -30.46 72.99 44.07
N VAL F 128 -30.60 74.28 44.37
CA VAL F 128 -30.11 74.84 45.62
C VAL F 128 -31.14 74.55 46.72
N GLY F 129 -30.67 74.03 47.85
CA GLY F 129 -29.37 73.43 47.98
C GLY F 129 -29.38 71.94 48.24
N PHE F 130 -29.17 71.19 47.16
CA PHE F 130 -29.11 69.74 47.16
C PHE F 130 -27.88 69.35 46.37
N PHE F 131 -27.44 68.09 46.52
CA PHE F 131 -26.24 67.68 45.83
C PHE F 131 -26.24 66.18 45.55
N SER F 132 -25.23 65.76 44.78
CA SER F 132 -25.03 64.38 44.40
C SER F 132 -23.54 64.20 44.09
N ASN F 133 -22.84 63.45 44.92
CA ASN F 133 -21.40 63.25 44.76
C ASN F 133 -21.06 61.93 44.07
N VAL F 134 -22.06 61.24 43.53
CA VAL F 134 -21.86 59.95 42.88
C VAL F 134 -22.70 59.89 41.62
N SER F 135 -22.32 58.99 40.72
CA SER F 135 -23.15 58.62 39.58
C SER F 135 -23.96 57.38 39.94
N SER F 136 -25.27 57.48 39.83
CA SER F 136 -26.12 56.41 40.31
C SER F 136 -27.44 56.43 39.55
N ALA F 137 -28.04 55.27 39.43
CA ALA F 137 -29.32 55.12 38.76
C ALA F 137 -30.51 55.19 39.72
N PHE F 138 -30.26 55.36 41.01
CA PHE F 138 -31.32 55.22 42.01
C PHE F 138 -31.37 56.39 42.97
N GLU F 139 -30.22 56.98 43.27
CA GLU F 139 -30.14 57.99 44.32
C GLU F 139 -30.69 59.31 43.81
N LYS F 140 -31.56 59.94 44.60
CA LYS F 140 -31.89 61.32 44.31
C LYS F 140 -30.97 62.27 45.09
N CYS F 141 -31.08 63.57 44.79
CA CYS F 141 -30.27 64.58 45.44
C CYS F 141 -30.62 64.67 46.92
N HIS F 142 -29.65 64.47 47.79
CA HIS F 142 -29.92 64.78 49.18
C HIS F 142 -29.42 66.19 49.52
N PRO F 143 -29.85 66.77 50.64
CA PRO F 143 -29.57 68.18 50.90
C PRO F 143 -28.31 68.42 51.72
N TRP F 144 -27.82 69.65 51.65
CA TRP F 144 -26.65 70.05 52.42
C TRP F 144 -26.99 70.26 53.89
N THR F 145 -26.02 69.91 54.73
CA THR F 145 -26.04 70.24 56.16
C THR F 145 -26.25 71.74 56.40
N SER F 146 -27.27 72.09 57.18
CA SER F 146 -27.63 73.49 57.46
C SER F 146 -27.01 73.96 58.78
N CYS F 147 -25.67 73.94 58.82
CA CYS F 147 -24.93 73.92 60.08
C CYS F 147 -24.68 75.34 60.59
N GLU F 148 -23.77 75.45 61.58
CA GLU F 148 -23.46 76.70 62.29
C GLU F 148 -22.27 77.44 61.69
N THR F 149 -21.09 76.81 61.69
CA THR F 149 -19.88 77.42 61.11
C THR F 149 -19.77 76.93 59.66
N LYS F 150 -20.30 77.73 58.73
CA LYS F 150 -20.17 77.47 57.31
C LYS F 150 -18.76 77.86 56.87
N ASP F 151 -17.87 76.88 56.75
CA ASP F 151 -16.49 77.13 56.34
C ASP F 151 -16.31 77.04 54.82
N LEU F 152 -17.03 76.11 54.17
CA LEU F 152 -17.05 75.99 52.72
C LEU F 152 -18.49 75.83 52.25
N VAL F 153 -18.82 76.49 51.14
CA VAL F 153 -20.14 76.39 50.48
C VAL F 153 -20.20 75.07 49.71
N VAL F 154 -21.37 74.75 49.17
CA VAL F 154 -21.57 73.45 48.53
C VAL F 154 -21.98 73.63 47.07
N GLN F 155 -21.40 72.79 46.21
CA GLN F 155 -21.69 72.83 44.75
C GLN F 155 -22.61 71.66 44.38
N GLN F 156 -23.17 71.69 43.15
CA GLN F 156 -24.08 70.61 42.68
C GLN F 156 -24.23 70.73 41.16
N LYS F 161 -22.06 69.21 43.42
CA LYS F 161 -22.01 67.76 43.65
C LYS F 161 -21.28 67.44 44.94
N THR F 162 -21.13 68.44 45.80
CA THR F 162 -20.44 68.29 47.09
C THR F 162 -21.28 68.85 48.22
N ASP F 163 -21.01 68.39 49.44
CA ASP F 163 -21.74 68.79 50.62
C ASP F 163 -21.00 69.89 51.36
N VAL F 164 -21.77 70.82 51.96
CA VAL F 164 -21.23 71.87 52.82
C VAL F 164 -20.34 71.23 53.87
N VAL F 165 -19.04 71.55 53.86
CA VAL F 165 -18.16 71.12 54.94
C VAL F 165 -18.10 72.25 55.97
N CYS F 166 -18.31 71.90 57.23
CA CYS F 166 -18.46 72.90 58.28
C CYS F 166 -17.18 73.08 59.09
S SO4 G . 13.23 -36.43 -50.66
O1 SO4 G . 12.11 -37.14 -51.28
O2 SO4 G . 14.42 -37.17 -51.01
O3 SO4 G . 13.14 -36.37 -49.22
O4 SO4 G . 13.29 -35.06 -51.12
S SO4 H . 2.39 -41.22 -56.74
O1 SO4 H . 2.90 -42.59 -56.70
O2 SO4 H . 1.66 -40.98 -57.98
O3 SO4 H . 3.53 -40.31 -56.69
O4 SO4 H . 1.49 -41.00 -55.61
S SO4 I . 1.02 44.34 55.98
O1 SO4 I . 2.17 43.66 55.42
O2 SO4 I . -0.24 43.71 55.58
O3 SO4 I . 1.04 45.71 55.51
O4 SO4 I . 1.11 44.20 57.42
S SO4 J . -2.51 42.68 47.23
O1 SO4 J . -3.35 42.43 46.07
O2 SO4 J . -1.09 42.46 46.94
O3 SO4 J . -2.66 44.08 47.60
O4 SO4 J . -2.98 41.79 48.30
#